data_6SCZ
#
_entry.id   6SCZ
#
_cell.length_a   164.178
_cell.length_b   164.178
_cell.length_c   57.742
_cell.angle_alpha   90.000
_cell.angle_beta   90.000
_cell.angle_gamma   90.000
#
_symmetry.space_group_name_H-M   'P 41 21 2'
#
loop_
_entity.id
_entity.type
_entity.pdbx_description
1 polymer 'Alanine racemase'
2 non-polymer GLYCEROL
3 non-polymer 'CALCIUM ION'
4 non-polymer 'CHLORIDE ION'
5 non-polymer 1,2-ETHANEDIOL
6 non-polymer DI(HYDROXYETHYL)ETHER
7 non-polymer 'polyethylene glycol'
8 non-polymer (~{E})-[2-methyl-3-oxidanyl-5-(phosphonooxymethyl)pyridin-4-yl]methylidene-[(4~{R})-3-oxidanylidene-1,2-oxazolidin-4-yl]azanium
9 non-polymer [2-methyl-3-oxidanyl-5-(phosphonooxymethyl)pyridin-4-yl]methyl-(3-oxidanyl-1,2-oxazol-4-yl)azanium
10 non-polymer 2-AMINO-2-HYDROXYMETHYL-PROPANE-1,3-DIOL
11 water water
#
_entity_poly.entity_id   1
_entity_poly.type   'polypeptide(L)'
_entity_poly.pdbx_seq_one_letter_code
;GSHMTPISQTPGLLAEAMVDLGAIEHNVRVLREHAGHAQLMAVVKADGYGHGATRVAQTALGAGAAELGVATVDEALALR
ADGITAPVLAWLHPPGIDFGPALLADVQVAVSSLRQLDELLHAVRRTGRTATVTVKVDTGLNRNGVGPAQFPAMLTALRQ
AMAEDAVRLRGLMSHMVYADKPDDSINDVQAQRFTAFLAQAREQGVRFEVAHLSNSSATMARPDLTFDLVRPGIAVYGLS
PVPALGDMGLVPAMTVKCAVALVKSIRAGEGVSYGHTWIAPRDTNLALLPIGYADGVFRSLGGRLEVLINGRRCPGVGRI
CMDQFMVDLGPGPLDVAEGDEAILFGPGIRGEPTAQDWADLVGTIHYEVVTSPRGRITRTYREAENR
;
_entity_poly.pdbx_strand_id   A,B
#
# COMPACT_ATOMS: atom_id res chain seq x y z
N GLY A 12 13.16 -6.69 17.59
CA GLY A 12 14.04 -6.87 16.44
C GLY A 12 13.29 -6.77 15.13
N LEU A 13 12.74 -5.60 14.84
CA LEU A 13 11.95 -5.39 13.64
C LEU A 13 12.83 -4.93 12.48
N LEU A 14 12.52 -5.44 11.29
CA LEU A 14 13.24 -5.05 10.10
C LEU A 14 12.96 -3.60 9.72
N ALA A 15 11.71 -3.18 9.89
CA ALA A 15 11.32 -1.82 9.60
C ALA A 15 10.08 -1.52 10.43
N GLU A 16 9.83 -0.23 10.67
CA GLU A 16 8.67 0.09 11.47
C GLU A 16 8.16 1.48 11.11
N ALA A 17 6.86 1.65 11.32
CA ALA A 17 6.19 2.95 11.30
C ALA A 17 5.87 3.23 12.76
N MET A 18 6.76 3.99 13.39
CA MET A 18 6.62 4.33 14.80
CA MET A 18 6.65 4.34 14.80
C MET A 18 5.71 5.55 14.94
N VAL A 19 4.60 5.34 15.64
CA VAL A 19 3.61 6.39 15.90
C VAL A 19 3.85 6.89 17.32
N ASP A 20 4.21 8.16 17.44
CA ASP A 20 4.47 8.76 18.75
C ASP A 20 3.15 9.25 19.30
N LEU A 21 2.61 8.55 20.29
CA LEU A 21 1.34 8.95 20.85
C LEU A 21 1.44 10.25 21.65
N GLY A 22 2.63 10.63 22.12
CA GLY A 22 2.79 11.95 22.69
C GLY A 22 2.62 13.04 21.66
N ALA A 23 3.02 12.78 20.41
CA ALA A 23 2.75 13.74 19.36
C ALA A 23 1.25 13.83 19.10
N ILE A 24 0.56 12.69 19.03
CA ILE A 24 -0.88 12.70 18.85
C ILE A 24 -1.54 13.57 19.93
N GLU A 25 -1.15 13.34 21.19
CA GLU A 25 -1.71 14.12 22.31
C GLU A 25 -1.47 15.60 22.10
N HIS A 26 -0.23 15.97 21.80
CA HIS A 26 0.11 17.36 21.52
C HIS A 26 -0.80 17.92 20.43
N ASN A 27 -0.95 17.19 19.33
CA ASN A 27 -1.69 17.74 18.20
C ASN A 27 -3.16 17.92 18.56
N VAL A 28 -3.71 17.00 19.34
CA VAL A 28 -5.12 17.13 19.73
C VAL A 28 -5.32 18.32 20.66
N ARG A 29 -4.37 18.55 21.58
CA ARG A 29 -4.47 19.72 22.45
CA ARG A 29 -4.44 19.72 22.46
C ARG A 29 -4.37 21.01 21.65
N VAL A 30 -3.49 21.06 20.65
CA VAL A 30 -3.41 22.23 19.78
C VAL A 30 -4.74 22.44 19.04
N LEU A 31 -5.31 21.37 18.49
CA LEU A 31 -6.53 21.51 17.73
C LEU A 31 -7.67 22.01 18.62
N ARG A 32 -7.71 21.51 19.85
CA ARG A 32 -8.74 21.93 20.79
C ARG A 32 -8.63 23.40 21.13
N GLU A 33 -7.41 23.92 21.24
CA GLU A 33 -7.25 25.35 21.49
C GLU A 33 -7.81 26.15 20.33
N HIS A 34 -7.47 25.75 19.10
CA HIS A 34 -8.01 26.43 17.94
C HIS A 34 -9.52 26.29 17.84
N ALA A 35 -10.07 25.18 18.37
CA ALA A 35 -11.50 24.93 18.23
C ALA A 35 -12.33 25.93 19.05
N GLY A 36 -11.74 26.62 20.00
CA GLY A 36 -12.50 27.61 20.75
C GLY A 36 -13.65 26.97 21.53
N HIS A 37 -14.88 27.46 21.24
CA HIS A 37 -16.09 26.99 21.93
C HIS A 37 -16.62 25.68 21.38
N ALA A 38 -15.99 25.11 20.35
CA ALA A 38 -16.46 23.88 19.71
C ALA A 38 -15.78 22.65 20.33
N GLN A 39 -16.49 21.52 20.31
CA GLN A 39 -15.90 20.23 20.66
C GLN A 39 -15.23 19.63 19.42
N LEU A 40 -14.51 18.54 19.62
CA LEU A 40 -13.62 17.99 18.61
C LEU A 40 -13.94 16.53 18.32
N MET A 41 -14.17 16.20 17.05
CA MET A 41 -14.34 14.83 16.59
C MET A 41 -13.06 14.47 15.83
N ALA A 42 -12.32 13.49 16.34
CA ALA A 42 -11.07 13.05 15.73
C ALA A 42 -11.37 12.06 14.62
N VAL A 43 -10.87 12.33 13.41
CA VAL A 43 -11.16 11.48 12.27
C VAL A 43 -10.10 10.39 12.18
N VAL A 44 -10.53 9.14 12.33
CA VAL A 44 -9.62 8.00 12.41
C VAL A 44 -9.97 6.95 11.37
N LYS A 45 -10.60 7.38 10.27
CA LYS A 45 -10.85 6.48 9.16
C LYS A 45 -9.52 5.99 8.56
N ALA A 46 -9.64 4.98 7.69
CA ALA A 46 -8.50 4.40 6.98
C ALA A 46 -7.44 3.93 7.98
N ASP A 47 -7.91 3.28 9.05
CA ASP A 47 -7.07 2.81 10.14
C ASP A 47 -6.20 3.94 10.69
N GLY A 48 -6.86 5.04 11.05
CA GLY A 48 -6.15 6.18 11.60
C GLY A 48 -5.19 6.82 10.62
N TYR A 49 -5.58 6.95 9.36
CA TYR A 49 -4.68 7.42 8.31
C TYR A 49 -3.37 6.64 8.36
N GLY A 50 -3.48 5.33 8.57
CA GLY A 50 -2.32 4.46 8.63
C GLY A 50 -1.59 4.43 9.95
N HIS A 51 -2.03 5.22 10.95
CA HIS A 51 -1.36 5.31 12.24
C HIS A 51 -1.96 4.39 13.30
N GLY A 52 -3.07 3.73 12.98
CA GLY A 52 -3.79 2.85 13.90
C GLY A 52 -5.01 3.53 14.50
N ALA A 53 -6.20 3.22 13.97
CA ALA A 53 -7.42 3.88 14.41
C ALA A 53 -7.63 3.76 15.91
N THR A 54 -7.47 2.55 16.44
CA THR A 54 -7.80 2.33 17.85
C THR A 54 -6.82 3.06 18.77
N ARG A 55 -5.52 2.90 18.54
CA ARG A 55 -4.55 3.54 19.43
CA ARG A 55 -4.54 3.54 19.43
C ARG A 55 -4.61 5.06 19.33
N VAL A 56 -4.76 5.58 18.11
CA VAL A 56 -4.92 7.03 17.97
C VAL A 56 -6.21 7.49 18.64
N ALA A 57 -7.30 6.74 18.46
CA ALA A 57 -8.58 7.14 19.05
C ALA A 57 -8.48 7.23 20.57
N GLN A 58 -7.92 6.21 21.21
CA GLN A 58 -7.76 6.24 22.66
C GLN A 58 -6.96 7.46 23.11
N THR A 59 -5.86 7.77 22.41
CA THR A 59 -5.04 8.90 22.80
C THR A 59 -5.76 10.22 22.58
N ALA A 60 -6.44 10.36 21.45
CA ALA A 60 -7.13 11.60 21.15
C ALA A 60 -8.23 11.86 22.18
N LEU A 61 -8.94 10.81 22.58
CA LEU A 61 -10.01 10.97 23.57
C LEU A 61 -9.45 11.41 24.91
N GLY A 62 -8.29 10.87 25.31
CA GLY A 62 -7.65 11.30 26.54
C GLY A 62 -7.04 12.68 26.46
N ALA A 63 -6.78 13.18 25.26
CA ALA A 63 -6.26 14.52 25.10
C ALA A 63 -7.36 15.52 24.80
N GLY A 64 -8.62 15.13 24.95
CA GLY A 64 -9.73 16.05 24.89
C GLY A 64 -10.65 15.89 23.72
N ALA A 65 -10.40 14.95 22.80
CA ALA A 65 -11.39 14.65 21.77
C ALA A 65 -12.68 14.15 22.40
N ALA A 66 -13.81 14.65 21.92
CA ALA A 66 -15.12 14.25 22.42
C ALA A 66 -15.69 13.06 21.66
N GLU A 67 -15.39 12.96 20.36
CA GLU A 67 -15.99 11.95 19.51
C GLU A 67 -14.99 11.49 18.47
N LEU A 68 -15.36 10.43 17.76
CA LEU A 68 -14.57 9.85 16.69
C LEU A 68 -15.38 9.82 15.40
N GLY A 69 -14.69 10.04 14.29
CA GLY A 69 -15.30 9.97 12.99
C GLY A 69 -14.59 8.96 12.11
N VAL A 70 -15.36 8.11 11.43
CA VAL A 70 -14.83 7.14 10.48
C VAL A 70 -15.69 7.18 9.23
N ALA A 71 -15.18 6.59 8.15
CA ALA A 71 -15.98 6.47 6.93
C ALA A 71 -17.06 5.43 7.11
N THR A 72 -16.70 4.20 7.42
CA THR A 72 -17.63 3.09 7.30
C THR A 72 -18.07 2.55 8.65
N VAL A 73 -19.26 1.94 8.63
CA VAL A 73 -19.73 1.20 9.79
C VAL A 73 -18.71 0.12 10.16
N ASP A 74 -18.09 -0.52 9.16
CA ASP A 74 -17.09 -1.53 9.48
C ASP A 74 -15.97 -0.93 10.33
N GLU A 75 -15.51 0.27 9.98
CA GLU A 75 -14.48 0.92 10.77
C GLU A 75 -14.97 1.20 12.18
N ALA A 76 -16.23 1.63 12.31
CA ALA A 76 -16.80 1.88 13.63
C ALA A 76 -16.89 0.60 14.45
N LEU A 77 -17.30 -0.50 13.82
CA LEU A 77 -17.41 -1.75 14.54
C LEU A 77 -16.04 -2.25 15.01
N ALA A 78 -14.99 -1.97 14.23
CA ALA A 78 -13.65 -2.35 14.67
C ALA A 78 -13.24 -1.58 15.91
N LEU A 79 -13.57 -0.29 15.98
CA LEU A 79 -13.30 0.47 17.20
C LEU A 79 -14.09 -0.10 18.37
N ARG A 80 -15.38 -0.34 18.17
CA ARG A 80 -16.20 -0.90 19.23
C ARG A 80 -15.65 -2.24 19.70
N ALA A 81 -15.24 -3.09 18.76
CA ALA A 81 -14.69 -4.39 19.13
C ALA A 81 -13.43 -4.24 19.97
N ASP A 82 -12.69 -3.13 19.79
CA ASP A 82 -11.48 -2.88 20.55
C ASP A 82 -11.76 -2.20 21.88
N GLY A 83 -13.03 -2.08 22.28
CA GLY A 83 -13.37 -1.54 23.57
C GLY A 83 -13.65 -0.05 23.60
N ILE A 84 -13.61 0.63 22.45
CA ILE A 84 -13.95 2.04 22.42
C ILE A 84 -15.44 2.18 22.69
N THR A 85 -15.80 3.04 23.65
CA THR A 85 -17.20 3.32 23.97
C THR A 85 -17.63 4.73 23.63
N ALA A 86 -16.69 5.59 23.25
CA ALA A 86 -16.99 6.97 22.95
C ALA A 86 -17.87 7.06 21.70
N PRO A 87 -18.49 8.21 21.46
CA PRO A 87 -19.32 8.35 20.26
C PRO A 87 -18.48 8.15 19.00
N VAL A 88 -19.03 7.39 18.06
CA VAL A 88 -18.42 7.13 16.76
C VAL A 88 -19.47 7.37 15.69
N LEU A 89 -19.13 8.24 14.73
CA LEU A 89 -19.98 8.57 13.59
C LEU A 89 -19.37 7.99 12.32
N ALA A 90 -20.19 7.29 11.54
CA ALA A 90 -19.80 6.76 10.23
C ALA A 90 -20.64 7.43 9.14
N TRP A 91 -19.99 7.83 8.04
CA TRP A 91 -20.65 8.64 7.03
C TRP A 91 -20.57 8.15 5.59
N LEU A 92 -19.97 6.98 5.31
CA LEU A 92 -19.95 6.44 3.95
C LEU A 92 -20.50 5.02 3.96
N HIS A 93 -21.67 4.83 3.36
CA HIS A 93 -22.37 3.55 3.41
C HIS A 93 -22.70 3.08 2.00
N PRO A 94 -22.44 1.82 1.70
CA PRO A 94 -22.84 1.29 0.40
C PRO A 94 -24.34 1.14 0.31
N PRO A 95 -24.91 1.18 -0.90
CA PRO A 95 -26.36 1.05 -1.05
C PRO A 95 -26.85 -0.30 -0.55
N GLY A 96 -28.05 -0.30 0.03
CA GLY A 96 -28.61 -1.54 0.55
C GLY A 96 -27.97 -2.06 1.82
N ILE A 97 -27.10 -1.28 2.45
CA ILE A 97 -26.50 -1.70 3.71
C ILE A 97 -27.59 -2.04 4.70
N ASP A 98 -27.33 -3.08 5.50
CA ASP A 98 -28.14 -3.36 6.68
C ASP A 98 -27.54 -2.56 7.84
N PHE A 99 -28.23 -1.51 8.27
CA PHE A 99 -27.76 -0.67 9.35
C PHE A 99 -27.97 -1.31 10.73
N GLY A 100 -28.56 -2.50 10.83
CA GLY A 100 -28.87 -3.08 12.11
C GLY A 100 -27.64 -3.23 13.00
N PRO A 101 -26.56 -3.82 12.49
CA PRO A 101 -25.37 -3.98 13.33
C PRO A 101 -24.85 -2.65 13.85
N ALA A 102 -24.89 -1.60 13.03
CA ALA A 102 -24.53 -0.28 13.50
C ALA A 102 -25.40 0.13 14.67
N LEU A 103 -26.72 -0.06 14.53
CA LEU A 103 -27.61 0.38 15.60
C LEU A 103 -27.34 -0.38 16.89
N LEU A 104 -27.12 -1.68 16.78
CA LEU A 104 -26.90 -2.50 17.96
C LEU A 104 -25.57 -2.22 18.62
N ALA A 105 -24.60 -1.69 17.88
CA ALA A 105 -23.29 -1.37 18.42
C ALA A 105 -23.15 0.10 18.78
N ASP A 106 -24.27 0.84 18.81
CA ASP A 106 -24.26 2.25 19.19
C ASP A 106 -23.36 3.08 18.28
N VAL A 107 -23.42 2.81 16.98
CA VAL A 107 -22.70 3.57 15.97
C VAL A 107 -23.63 4.63 15.43
N GLN A 108 -23.21 5.89 15.49
CA GLN A 108 -23.96 6.97 14.87
C GLN A 108 -23.85 6.87 13.36
N VAL A 109 -24.93 7.19 12.68
CA VAL A 109 -25.03 7.08 11.23
C VAL A 109 -25.32 8.45 10.64
N ALA A 110 -24.45 8.90 9.73
CA ALA A 110 -24.71 10.06 8.89
C ALA A 110 -25.35 9.57 7.59
N VAL A 111 -26.53 10.11 7.28
CA VAL A 111 -27.24 9.81 6.05
C VAL A 111 -27.00 10.93 5.05
N SER A 112 -26.82 10.55 3.78
CA SER A 112 -26.53 11.51 2.73
CA SER A 112 -26.52 11.49 2.71
C SER A 112 -27.59 11.51 1.64
N SER A 113 -28.72 10.84 1.85
CA SER A 113 -29.81 10.84 0.89
C SER A 113 -31.09 10.41 1.59
N LEU A 114 -32.22 10.71 0.95
CA LEU A 114 -33.51 10.26 1.46
C LEU A 114 -33.61 8.74 1.42
N ARG A 115 -33.12 8.12 0.34
CA ARG A 115 -33.11 6.67 0.24
C ARG A 115 -32.31 6.05 1.38
N GLN A 116 -31.18 6.65 1.73
CA GLN A 116 -30.38 6.11 2.82
C GLN A 116 -31.09 6.28 4.15
N LEU A 117 -31.82 7.38 4.34
CA LEU A 117 -32.61 7.51 5.55
C LEU A 117 -33.66 6.42 5.61
N ASP A 118 -34.31 6.13 4.48
CA ASP A 118 -35.29 5.05 4.46
C ASP A 118 -34.65 3.72 4.85
N GLU A 119 -33.44 3.43 4.35
CA GLU A 119 -32.75 2.21 4.77
C GLU A 119 -32.53 2.20 6.27
N LEU A 120 -32.16 3.34 6.83
CA LEU A 120 -31.88 3.41 8.24
C LEU A 120 -33.14 3.21 9.06
N LEU A 121 -34.24 3.83 8.65
CA LEU A 121 -35.47 3.67 9.39
C LEU A 121 -36.01 2.24 9.26
N HIS A 122 -35.81 1.60 8.11
CA HIS A 122 -36.14 0.18 8.00
C HIS A 122 -35.37 -0.64 9.04
N ALA A 123 -34.09 -0.33 9.24
CA ALA A 123 -33.30 -1.02 10.25
C ALA A 123 -33.77 -0.70 11.67
N VAL A 124 -34.18 0.55 11.91
CA VAL A 124 -34.74 0.87 13.22
C VAL A 124 -35.97 0.03 13.48
N ARG A 125 -36.82 -0.13 12.46
CA ARG A 125 -38.01 -0.94 12.62
C ARG A 125 -37.66 -2.40 12.92
N ARG A 126 -36.66 -2.96 12.23
CA ARG A 126 -36.32 -4.38 12.41
C ARG A 126 -35.71 -4.65 13.78
N THR A 127 -34.89 -3.73 14.29
CA THR A 127 -34.15 -3.94 15.53
C THR A 127 -34.85 -3.34 16.75
N GLY A 128 -35.73 -2.38 16.56
CA GLY A 128 -36.29 -1.65 17.68
C GLY A 128 -35.32 -0.74 18.40
N ARG A 129 -34.26 -0.29 17.73
CA ARG A 129 -33.23 0.53 18.35
CA ARG A 129 -33.23 0.53 18.35
C ARG A 129 -33.21 1.90 17.69
N THR A 130 -33.32 2.95 18.52
CA THR A 130 -33.27 4.30 17.99
C THR A 130 -31.93 4.59 17.32
N ALA A 131 -31.99 5.24 16.17
CA ALA A 131 -30.79 5.63 15.43
C ALA A 131 -30.38 7.04 15.88
N THR A 132 -29.09 7.21 16.14
CA THR A 132 -28.55 8.54 16.43
C THR A 132 -28.02 9.10 15.12
N VAL A 133 -28.82 10.00 14.52
CA VAL A 133 -28.69 10.37 13.11
C VAL A 133 -27.98 11.69 12.96
N THR A 134 -27.08 11.74 11.98
CA THR A 134 -26.52 12.97 11.45
C THR A 134 -26.90 13.05 9.98
N VAL A 135 -27.24 14.26 9.51
CA VAL A 135 -27.49 14.50 8.10
C VAL A 135 -26.26 15.15 7.51
N LYS A 136 -25.70 14.51 6.48
CA LYS A 136 -24.58 15.04 5.73
C LYS A 136 -25.13 15.77 4.52
N VAL A 137 -24.90 17.09 4.46
CA VAL A 137 -25.44 17.92 3.40
C VAL A 137 -24.33 18.34 2.47
N ASP A 138 -24.72 18.63 1.23
CA ASP A 138 -23.80 19.09 0.20
C ASP A 138 -23.78 20.61 0.19
N THR A 139 -22.62 21.20 0.52
CA THR A 139 -22.43 22.65 0.43
C THR A 139 -21.50 23.05 -0.71
N GLY A 140 -21.17 22.13 -1.63
CA GLY A 140 -20.35 22.48 -2.78
C GLY A 140 -19.38 21.40 -3.25
N LEU A 141 -19.10 20.41 -2.41
CA LEU A 141 -18.20 19.34 -2.81
CA LEU A 141 -18.20 19.34 -2.81
C LEU A 141 -18.81 18.50 -3.92
N ASN A 142 -20.14 18.40 -3.97
CA ASN A 142 -20.84 17.69 -5.04
C ASN A 142 -20.45 16.22 -5.08
N ARG A 143 -20.11 15.64 -3.93
CA ARG A 143 -19.83 14.21 -3.90
C ARG A 143 -21.09 13.51 -3.42
N ASN A 144 -21.13 13.07 -2.18
CA ASN A 144 -22.39 12.68 -1.59
C ASN A 144 -22.81 13.79 -0.61
N GLY A 145 -24.07 13.78 -0.27
CA GLY A 145 -24.61 14.77 0.65
C GLY A 145 -25.97 15.17 0.14
N VAL A 146 -26.85 15.49 1.07
CA VAL A 146 -28.20 15.91 0.73
C VAL A 146 -28.13 17.32 0.15
N GLY A 147 -28.81 17.54 -0.98
CA GLY A 147 -28.86 18.85 -1.59
C GLY A 147 -29.97 19.72 -1.06
N PRO A 148 -29.91 21.03 -1.30
CA PRO A 148 -31.03 21.89 -0.86
C PRO A 148 -32.38 21.44 -1.37
N ALA A 149 -32.45 20.86 -2.58
CA ALA A 149 -33.75 20.47 -3.13
C ALA A 149 -34.43 19.39 -2.30
N GLN A 150 -33.64 18.47 -1.74
CA GLN A 150 -34.15 17.32 -1.00
C GLN A 150 -34.24 17.58 0.50
N PHE A 151 -33.57 18.61 1.00
CA PHE A 151 -33.52 18.82 2.45
C PHE A 151 -34.88 19.07 3.07
N PRO A 152 -35.78 19.84 2.46
CA PRO A 152 -37.09 20.01 3.11
C PRO A 152 -37.80 18.68 3.32
N ALA A 153 -37.82 17.81 2.31
CA ALA A 153 -38.46 16.51 2.48
C ALA A 153 -37.75 15.70 3.55
N MET A 154 -36.42 15.80 3.61
CA MET A 154 -35.67 15.10 4.65
CA MET A 154 -35.71 15.07 4.66
C MET A 154 -36.10 15.56 6.04
N LEU A 155 -36.28 16.87 6.21
CA LEU A 155 -36.68 17.41 7.51
C LEU A 155 -38.06 16.92 7.92
N THR A 156 -39.01 16.91 6.98
CA THR A 156 -40.35 16.42 7.30
C THR A 156 -40.29 14.96 7.74
N ALA A 157 -39.49 14.16 7.04
CA ALA A 157 -39.35 12.76 7.40
C ALA A 157 -38.67 12.60 8.76
N LEU A 158 -37.62 13.37 9.01
CA LEU A 158 -36.93 13.24 10.28
C LEU A 158 -37.83 13.66 11.45
N ARG A 159 -38.66 14.68 11.24
N ARG A 159 -38.66 14.68 11.24
CA ARG A 159 -39.56 15.13 12.30
CA ARG A 159 -39.56 15.14 12.29
C ARG A 159 -40.51 14.01 12.72
C ARG A 159 -40.51 14.03 12.72
N GLN A 160 -41.09 13.31 11.75
CA GLN A 160 -41.99 12.21 12.10
C GLN A 160 -41.22 11.08 12.80
N ALA A 161 -40.00 10.78 12.35
CA ALA A 161 -39.22 9.73 13.00
C ALA A 161 -38.83 10.13 14.43
N MET A 162 -38.46 11.40 14.63
CA MET A 162 -38.11 11.85 15.96
C MET A 162 -39.31 11.78 16.89
N ALA A 163 -40.51 12.08 16.38
CA ALA A 163 -41.70 12.09 17.21
C ALA A 163 -41.99 10.73 17.82
N GLU A 164 -41.62 9.65 17.13
CA GLU A 164 -41.82 8.31 17.66
C GLU A 164 -40.55 7.71 18.24
N ASP A 165 -39.53 8.54 18.45
CA ASP A 165 -38.25 8.12 19.00
CA ASP A 165 -38.24 8.11 19.01
C ASP A 165 -37.57 7.05 18.15
N ALA A 166 -37.81 7.08 16.84
CA ALA A 166 -37.07 6.22 15.93
C ALA A 166 -35.68 6.78 15.67
N VAL A 167 -35.53 8.10 15.78
CA VAL A 167 -34.25 8.75 15.61
C VAL A 167 -34.09 9.81 16.70
N ARG A 168 -32.83 9.99 17.10
CA ARG A 168 -32.37 11.17 17.80
C ARG A 168 -31.64 12.04 16.78
N LEU A 169 -32.02 13.30 16.66
CA LEU A 169 -31.45 14.14 15.60
C LEU A 169 -30.22 14.83 16.15
N ARG A 170 -29.11 14.15 16.02
CA ARG A 170 -27.88 14.59 16.65
C ARG A 170 -27.20 15.69 15.86
N GLY A 171 -26.98 15.48 14.56
CA GLY A 171 -26.00 16.29 13.86
C GLY A 171 -26.39 16.71 12.45
N LEU A 172 -25.86 17.85 12.07
CA LEU A 172 -25.80 18.31 10.69
C LEU A 172 -24.33 18.46 10.36
N MET A 173 -23.91 17.94 9.21
CA MET A 173 -22.51 18.02 8.83
C MET A 173 -22.38 18.31 7.35
N SER A 174 -21.25 18.91 6.99
CA SER A 174 -20.83 19.04 5.60
C SER A 174 -19.31 19.09 5.59
N HIS A 175 -18.74 19.00 4.39
CA HIS A 175 -17.30 18.89 4.23
C HIS A 175 -16.83 19.92 3.22
N MET A 176 -15.64 20.48 3.47
CA MET A 176 -15.10 21.61 2.71
CA MET A 176 -15.13 21.60 2.69
C MET A 176 -14.43 21.15 1.42
N VAL A 177 -14.61 21.96 0.37
CA VAL A 177 -14.03 21.71 -0.95
C VAL A 177 -12.52 21.80 -0.93
N TYR A 178 -11.96 22.62 -0.04
CA TYR A 178 -10.51 22.78 0.04
C TYR A 178 -10.05 22.22 1.37
N ALA A 179 -9.19 21.22 1.30
CA ALA A 179 -8.57 20.71 2.51
C ALA A 179 -7.39 21.55 2.95
N ASP A 180 -6.88 22.45 2.08
CA ASP A 180 -5.58 23.07 2.32
C ASP A 180 -5.49 24.52 1.84
N LYS A 181 -6.61 25.25 1.75
CA LYS A 181 -6.57 26.65 1.34
C LYS A 181 -7.63 27.44 2.09
N PRO A 182 -7.35 27.76 3.36
CA PRO A 182 -8.39 28.38 4.20
C PRO A 182 -8.84 29.76 3.73
N ASP A 183 -8.00 30.48 2.99
CA ASP A 183 -8.26 31.85 2.54
C ASP A 183 -9.27 31.93 1.40
N ASP A 184 -9.43 30.85 0.66
CA ASP A 184 -10.24 30.92 -0.56
C ASP A 184 -11.66 31.28 -0.20
N SER A 185 -12.29 32.08 -1.06
CA SER A 185 -13.64 32.55 -0.75
C SER A 185 -14.65 31.41 -0.72
N ILE A 186 -14.36 30.27 -1.35
CA ILE A 186 -15.34 29.18 -1.33
C ILE A 186 -15.55 28.70 0.10
N ASN A 187 -14.57 28.87 0.97
CA ASN A 187 -14.77 28.49 2.36
C ASN A 187 -15.91 29.29 2.98
N ASP A 188 -15.90 30.60 2.78
CA ASP A 188 -16.97 31.43 3.28
C ASP A 188 -18.30 31.06 2.63
N VAL A 189 -18.29 30.77 1.32
CA VAL A 189 -19.51 30.39 0.63
C VAL A 189 -20.08 29.12 1.24
N GLN A 190 -19.22 28.13 1.48
CA GLN A 190 -19.71 26.87 2.04
C GLN A 190 -20.26 27.07 3.45
N ALA A 191 -19.60 27.90 4.24
CA ALA A 191 -20.09 28.14 5.59
C ALA A 191 -21.45 28.82 5.55
N GLN A 192 -21.66 29.73 4.59
CA GLN A 192 -22.95 30.39 4.46
C GLN A 192 -24.02 29.41 3.98
N ARG A 193 -23.69 28.56 3.01
CA ARG A 193 -24.65 27.54 2.61
C ARG A 193 -24.99 26.63 3.77
N PHE A 194 -24.01 26.34 4.62
CA PHE A 194 -24.24 25.47 5.77
C PHE A 194 -25.18 26.14 6.76
N THR A 195 -24.98 27.43 7.01
CA THR A 195 -25.91 28.19 7.84
C THR A 195 -27.30 28.18 7.24
N ALA A 196 -27.40 28.20 5.92
CA ALA A 196 -28.72 28.17 5.29
C ALA A 196 -29.43 26.86 5.59
N PHE A 197 -28.72 25.73 5.52
CA PHE A 197 -29.30 24.46 5.93
C PHE A 197 -29.78 24.52 7.38
N LEU A 198 -28.95 25.08 8.27
CA LEU A 198 -29.33 25.19 9.68
C LEU A 198 -30.56 26.06 9.84
N ALA A 199 -30.64 27.15 9.08
CA ALA A 199 -31.78 28.04 9.17
C ALA A 199 -33.05 27.37 8.63
N GLN A 200 -32.92 26.62 7.54
CA GLN A 200 -34.07 25.87 7.04
C GLN A 200 -34.62 24.92 8.10
N ALA A 201 -33.72 24.18 8.76
CA ALA A 201 -34.13 23.29 9.84
C ALA A 201 -34.84 24.04 10.95
N ARG A 202 -34.22 25.12 11.44
CA ARG A 202 -34.83 25.89 12.54
C ARG A 202 -36.20 26.42 12.15
N GLU A 203 -36.35 26.89 10.91
CA GLU A 203 -37.63 27.43 10.48
C GLU A 203 -38.69 26.34 10.36
N GLN A 204 -38.29 25.12 10.02
CA GLN A 204 -39.21 24.01 9.97
C GLN A 204 -39.36 23.32 11.33
N GLY A 205 -38.80 23.90 12.39
CA GLY A 205 -38.97 23.36 13.72
C GLY A 205 -38.22 22.07 13.97
N VAL A 206 -37.13 21.84 13.24
CA VAL A 206 -36.33 20.63 13.42
C VAL A 206 -35.01 21.07 14.04
N ARG A 207 -34.74 20.61 15.25
CA ARG A 207 -33.58 21.00 16.04
C ARG A 207 -32.51 19.93 15.92
N PHE A 208 -31.35 20.29 15.37
CA PHE A 208 -30.16 19.45 15.43
C PHE A 208 -29.37 19.84 16.67
N GLU A 209 -28.82 18.84 17.37
CA GLU A 209 -28.04 19.13 18.57
C GLU A 209 -26.76 19.88 18.24
N VAL A 210 -26.04 19.43 17.21
CA VAL A 210 -24.74 19.99 16.85
C VAL A 210 -24.62 20.11 15.33
N ALA A 211 -23.80 21.06 14.89
CA ALA A 211 -23.46 21.23 13.49
C ALA A 211 -21.95 21.26 13.36
N HIS A 212 -21.42 20.60 12.32
CA HIS A 212 -19.98 20.66 12.12
C HIS A 212 -19.62 20.68 10.64
N LEU A 213 -18.69 21.56 10.31
CA LEU A 213 -18.22 21.77 8.97
C LEU A 213 -16.71 21.66 8.84
N SER A 214 -15.97 21.81 9.93
CA SER A 214 -14.55 22.14 9.83
C SER A 214 -13.66 20.91 9.78
N ASN A 215 -12.83 20.85 8.75
CA ASN A 215 -11.72 19.92 8.72
C ASN A 215 -10.54 20.55 9.45
N SER A 216 -9.35 19.95 9.32
CA SER A 216 -8.17 20.47 10.00
C SER A 216 -7.85 21.87 9.53
N SER A 217 -7.91 22.11 8.23
CA SER A 217 -7.58 23.42 7.70
C SER A 217 -8.46 24.49 8.31
N ALA A 218 -9.77 24.30 8.22
CA ALA A 218 -10.68 25.28 8.76
C ALA A 218 -10.49 25.45 10.26
N THR A 219 -10.28 24.34 10.97
CA THR A 219 -10.16 24.40 12.41
C THR A 219 -9.01 25.31 12.82
N MET A 220 -7.87 25.16 12.14
CA MET A 220 -6.69 25.89 12.56
CA MET A 220 -6.65 25.87 12.52
C MET A 220 -6.59 27.28 11.94
N ALA A 221 -7.12 27.48 10.75
CA ALA A 221 -6.94 28.75 10.05
C ALA A 221 -8.20 29.58 9.90
N ARG A 222 -9.39 29.02 10.15
CA ARG A 222 -10.65 29.74 9.99
C ARG A 222 -11.53 29.53 11.22
N PRO A 223 -11.08 29.97 12.39
CA PRO A 223 -11.93 29.87 13.58
C PRO A 223 -13.24 30.60 13.43
N ASP A 224 -13.30 31.59 12.52
CA ASP A 224 -14.54 32.31 12.27
C ASP A 224 -15.59 31.45 11.59
N LEU A 225 -15.21 30.29 11.03
CA LEU A 225 -16.13 29.39 10.36
C LEU A 225 -16.48 28.17 11.20
N THR A 226 -16.09 28.16 12.47
CA THR A 226 -16.35 27.04 13.34
C THR A 226 -17.79 27.07 13.87
N PHE A 227 -18.44 25.92 13.83
CA PHE A 227 -19.79 25.75 14.34
C PHE A 227 -19.71 25.08 15.70
N ASP A 228 -20.42 23.97 15.97
CA ASP A 228 -20.45 23.39 17.31
C ASP A 228 -19.37 22.33 17.52
N LEU A 229 -18.95 21.66 16.47
CA LEU A 229 -17.88 20.67 16.53
C LEU A 229 -16.93 20.96 15.38
N VAL A 230 -15.68 20.55 15.57
CA VAL A 230 -14.71 20.48 14.48
C VAL A 230 -14.36 19.04 14.24
N ARG A 231 -13.94 18.74 13.01
CA ARG A 231 -13.79 17.37 12.54
C ARG A 231 -12.44 17.18 11.88
N PRO A 232 -11.34 17.38 12.62
CA PRO A 232 -10.01 17.26 12.00
C PRO A 232 -9.52 15.83 11.91
N GLY A 233 -8.85 15.54 10.78
CA GLY A 233 -8.13 14.30 10.62
C GLY A 233 -6.63 14.54 10.53
N ILE A 234 -6.18 15.12 9.41
CA ILE A 234 -4.76 15.15 9.08
C ILE A 234 -3.93 15.81 10.20
N ALA A 235 -4.46 16.85 10.86
CA ALA A 235 -3.69 17.53 11.89
C ALA A 235 -3.57 16.68 13.17
N VAL A 236 -4.51 15.77 13.41
CA VAL A 236 -4.35 14.87 14.54
C VAL A 236 -3.04 14.11 14.41
N TYR A 237 -2.71 13.70 13.19
CA TYR A 237 -1.47 12.96 12.92
C TYR A 237 -0.28 13.89 12.79
N GLY A 238 -0.47 15.18 13.06
CA GLY A 238 0.59 16.16 13.08
C GLY A 238 1.02 16.68 11.72
N LEU A 239 0.31 16.31 10.67
CA LEU A 239 0.65 16.72 9.32
C LEU A 239 -0.06 18.02 9.00
N SER A 240 0.66 18.96 8.44
CA SER A 240 0.13 20.31 8.33
C SER A 240 -1.07 20.33 7.39
N PRO A 241 -2.22 20.85 7.83
CA PRO A 241 -3.34 21.00 6.91
C PRO A 241 -3.16 22.13 5.92
N VAL A 242 -2.17 23.00 6.12
CA VAL A 242 -1.87 24.02 5.13
C VAL A 242 -0.37 24.00 4.94
N PRO A 243 0.14 23.10 4.10
CA PRO A 243 1.60 22.93 4.02
C PRO A 243 2.36 24.22 3.81
N ALA A 244 1.81 25.16 3.04
CA ALA A 244 2.51 26.41 2.75
C ALA A 244 2.73 27.28 3.97
N LEU A 245 2.05 26.99 5.08
CA LEU A 245 2.20 27.72 6.34
C LEU A 245 3.16 27.05 7.30
N GLY A 246 3.76 25.92 6.93
CA GLY A 246 4.68 25.25 7.83
C GLY A 246 3.96 24.25 8.71
N ASP A 247 4.60 23.90 9.83
CA ASP A 247 4.07 22.82 10.65
C ASP A 247 2.88 23.24 11.50
N MET A 248 2.58 24.54 11.56
CA MET A 248 1.40 25.10 12.25
C MET A 248 1.37 24.67 13.71
N GLY A 249 2.54 24.42 14.28
CA GLY A 249 2.65 24.06 15.68
C GLY A 249 2.41 22.60 15.96
N LEU A 250 2.18 21.79 14.94
CA LEU A 250 1.88 20.38 15.09
C LEU A 250 3.15 19.56 14.93
N VAL A 251 3.09 18.33 15.43
CA VAL A 251 4.23 17.42 15.32
C VAL A 251 3.82 16.14 14.59
N PRO A 252 4.34 15.88 13.39
CA PRO A 252 4.00 14.63 12.70
C PRO A 252 4.30 13.43 13.57
N ALA A 253 3.30 12.55 13.72
CA ALA A 253 3.40 11.46 14.67
C ALA A 253 4.04 10.20 14.12
N MET A 254 4.17 10.04 12.80
CA MET A 254 4.71 8.82 12.23
C MET A 254 6.18 9.01 11.81
N THR A 255 7.03 8.09 12.28
CA THR A 255 8.41 7.98 11.80
C THR A 255 8.57 6.62 11.16
N VAL A 256 8.93 6.59 9.87
CA VAL A 256 9.19 5.35 9.17
C VAL A 256 10.69 5.14 9.11
N LYS A 257 11.13 3.98 9.61
CA LYS A 257 12.56 3.71 9.72
C LYS A 257 12.81 2.22 9.46
N CYS A 258 14.06 1.89 9.19
CA CYS A 258 14.40 0.50 8.96
CA CYS A 258 14.43 0.52 8.85
C CYS A 258 15.85 0.26 9.34
N ALA A 259 16.18 -1.01 9.50
CA ALA A 259 17.56 -1.36 9.83
C ALA A 259 18.38 -1.48 8.55
N VAL A 260 19.61 -0.96 8.60
CA VAL A 260 20.54 -1.14 7.49
C VAL A 260 20.88 -2.62 7.39
N ALA A 261 20.65 -3.21 6.22
CA ALA A 261 20.84 -4.66 6.08
C ALA A 261 22.22 -5.06 5.61
N LEU A 262 22.93 -4.14 4.96
CA LEU A 262 24.21 -4.41 4.33
C LEU A 262 24.89 -3.08 4.08
N VAL A 263 26.20 -3.05 4.32
CA VAL A 263 27.08 -1.96 3.89
C VAL A 263 28.11 -2.57 2.95
N LYS A 264 28.36 -1.91 1.83
CA LYS A 264 29.33 -2.44 0.88
C LYS A 264 30.02 -1.29 0.18
N SER A 265 31.25 -1.54 -0.23
CA SER A 265 31.94 -0.60 -1.08
C SER A 265 31.67 -0.93 -2.55
N ILE A 266 31.73 0.10 -3.39
CA ILE A 266 31.61 -0.07 -4.83
C ILE A 266 32.63 0.84 -5.51
N ARG A 267 32.89 0.53 -6.78
CA ARG A 267 33.87 1.24 -7.58
C ARG A 267 33.21 2.17 -8.59
N ALA A 268 33.88 3.29 -8.84
CA ALA A 268 33.47 4.19 -9.91
C ALA A 268 33.19 3.40 -11.18
N GLY A 269 32.11 3.78 -11.87
CA GLY A 269 31.72 3.15 -13.11
C GLY A 269 30.80 1.96 -12.97
N GLU A 270 30.58 1.47 -11.74
CA GLU A 270 29.68 0.34 -11.54
C GLU A 270 28.23 0.82 -11.47
N GLY A 271 27.34 0.10 -12.15
CA GLY A 271 25.93 0.43 -12.04
C GLY A 271 25.28 -0.24 -10.85
N VAL A 272 24.13 0.29 -10.45
CA VAL A 272 23.43 -0.17 -9.26
C VAL A 272 21.95 -0.37 -9.59
N SER A 273 21.45 -1.55 -9.25
CA SER A 273 20.03 -1.93 -9.30
C SER A 273 19.54 -2.06 -10.74
N TYR A 274 18.23 -2.27 -10.91
CA TYR A 274 17.71 -2.67 -12.22
C TYR A 274 17.96 -1.58 -13.25
N GLY A 275 18.34 -2.01 -14.45
CA GLY A 275 18.62 -1.10 -15.54
C GLY A 275 19.87 -0.28 -15.39
N HIS A 276 20.64 -0.48 -14.32
CA HIS A 276 21.82 0.35 -14.05
C HIS A 276 21.53 1.83 -14.30
N THR A 277 20.42 2.31 -13.74
CA THR A 277 20.02 3.70 -13.96
C THR A 277 20.89 4.68 -13.19
N TRP A 278 21.70 4.19 -12.27
CA TRP A 278 22.70 4.99 -11.60
C TRP A 278 24.03 4.29 -11.74
N ILE A 279 25.04 5.04 -12.17
CA ILE A 279 26.38 4.52 -12.35
C ILE A 279 27.28 5.35 -11.46
N ALA A 280 28.00 4.69 -10.57
CA ALA A 280 28.80 5.40 -9.58
C ALA A 280 29.77 6.36 -10.26
N PRO A 281 29.72 7.66 -9.94
CA PRO A 281 30.75 8.57 -10.47
C PRO A 281 32.07 8.49 -9.75
N ARG A 282 32.14 7.76 -8.63
CA ARG A 282 33.33 7.69 -7.80
C ARG A 282 33.23 6.45 -6.93
N ASP A 283 34.38 5.97 -6.46
CA ASP A 283 34.40 4.93 -5.43
C ASP A 283 33.62 5.42 -4.22
N THR A 284 32.76 4.58 -3.66
CA THR A 284 31.92 5.03 -2.57
C THR A 284 31.43 3.83 -1.77
N ASN A 285 30.72 4.11 -0.68
CA ASN A 285 30.07 3.09 0.14
C ASN A 285 28.56 3.19 -0.04
N LEU A 286 27.89 2.03 -0.11
CA LEU A 286 26.44 1.96 -0.19
C LEU A 286 25.87 1.21 0.99
N ALA A 287 24.60 1.45 1.28
CA ALA A 287 23.84 0.65 2.23
C ALA A 287 22.59 0.12 1.55
N LEU A 288 22.23 -1.11 1.88
CA LEU A 288 21.00 -1.75 1.41
C LEU A 288 19.95 -1.61 2.51
N LEU A 289 18.81 -1.02 2.15
CA LEU A 289 17.68 -0.87 3.06
C LEU A 289 16.60 -1.85 2.60
N PRO A 290 16.16 -2.78 3.46
CA PRO A 290 15.35 -3.93 3.04
C PRO A 290 13.85 -3.67 3.05
N ILE A 291 13.43 -2.55 2.48
CA ILE A 291 12.02 -2.28 2.22
C ILE A 291 11.92 -1.63 0.86
N GLY A 292 10.77 -1.80 0.20
CA GLY A 292 10.62 -1.33 -1.16
C GLY A 292 9.20 -0.95 -1.49
N TYR A 293 8.84 -0.94 -2.78
CA TYR A 293 7.55 -0.37 -3.14
C TYR A 293 6.38 -1.26 -2.71
N ALA A 294 6.58 -2.56 -2.52
CA ALA A 294 5.50 -3.38 -1.96
C ALA A 294 5.28 -3.09 -0.48
N ASP A 295 6.23 -2.42 0.18
CA ASP A 295 6.07 -1.96 1.55
C ASP A 295 5.59 -0.52 1.63
N GLY A 296 5.36 0.10 0.47
CA GLY A 296 4.88 1.46 0.41
C GLY A 296 5.93 2.52 0.13
N VAL A 297 7.16 2.13 -0.16
CA VAL A 297 8.19 3.08 -0.61
C VAL A 297 7.96 3.32 -2.10
N PHE A 298 7.24 4.39 -2.42
CA PHE A 298 6.82 4.67 -3.79
C PHE A 298 7.99 4.50 -4.74
N ARG A 299 7.80 3.70 -5.79
CA ARG A 299 8.90 3.48 -6.72
C ARG A 299 9.42 4.78 -7.32
N SER A 300 8.52 5.76 -7.52
CA SER A 300 8.90 7.03 -8.10
C SER A 300 9.82 7.86 -7.20
N LEU A 301 10.05 7.44 -5.94
CA LEU A 301 11.07 8.06 -5.11
C LEU A 301 12.48 7.74 -5.57
N GLY A 302 12.65 6.74 -6.43
CA GLY A 302 13.97 6.33 -6.83
C GLY A 302 14.82 7.45 -7.38
N GLY A 303 16.05 7.57 -6.89
CA GLY A 303 16.94 8.62 -7.33
C GLY A 303 16.55 10.01 -6.88
N ARG A 304 15.56 10.11 -6.02
CA ARG A 304 15.08 11.39 -5.50
C ARG A 304 15.14 11.46 -3.98
N LEU A 305 14.76 10.38 -3.30
CA LEU A 305 14.68 10.45 -1.86
C LEU A 305 16.06 10.41 -1.21
N GLU A 306 16.09 10.89 0.03
CA GLU A 306 17.20 10.77 0.94
C GLU A 306 16.71 10.10 2.22
N VAL A 307 17.60 9.39 2.90
CA VAL A 307 17.32 8.87 4.23
C VAL A 307 18.30 9.52 5.20
N LEU A 308 17.98 9.46 6.48
CA LEU A 308 18.87 9.92 7.54
C LEU A 308 19.47 8.71 8.24
N ILE A 309 20.81 8.63 8.27
CA ILE A 309 21.51 7.58 8.99
C ILE A 309 22.59 8.24 9.83
N ASN A 310 22.56 7.97 11.13
CA ASN A 310 23.52 8.52 12.09
C ASN A 310 23.74 10.01 11.84
N GLY A 311 22.64 10.72 11.62
CA GLY A 311 22.63 12.17 11.56
C GLY A 311 22.90 12.77 10.19
N ARG A 312 23.15 11.95 9.17
CA ARG A 312 23.55 12.41 7.85
C ARG A 312 22.54 11.97 6.80
N ARG A 313 22.34 12.84 5.81
CA ARG A 313 21.49 12.54 4.66
C ARG A 313 22.24 11.68 3.65
N CYS A 314 21.59 10.60 3.23
CA CYS A 314 22.16 9.62 2.31
C CYS A 314 21.18 9.46 1.17
N PRO A 315 21.53 9.85 -0.05
CA PRO A 315 20.55 9.78 -1.14
C PRO A 315 20.36 8.37 -1.66
N GLY A 316 19.11 8.03 -1.99
CA GLY A 316 18.87 6.80 -2.73
C GLY A 316 19.56 6.84 -4.08
N VAL A 317 20.12 5.70 -4.48
CA VAL A 317 20.70 5.53 -5.81
C VAL A 317 20.14 4.29 -6.47
N GLY A 318 19.83 4.40 -7.76
CA GLY A 318 19.26 3.31 -8.51
C GLY A 318 17.79 3.14 -8.23
N ARG A 319 17.18 2.23 -8.95
CA ARG A 319 15.75 2.02 -8.83
CA ARG A 319 15.74 2.02 -8.83
C ARG A 319 15.38 1.44 -7.47
N ILE A 320 14.22 1.85 -6.98
CA ILE A 320 13.61 1.21 -5.84
C ILE A 320 13.00 -0.12 -6.30
N CYS A 321 13.34 -1.19 -5.61
CA CYS A 321 12.86 -2.52 -5.95
C CYS A 321 11.62 -2.86 -5.12
N MET A 322 11.05 -4.03 -5.38
CA MET A 322 9.83 -4.43 -4.67
C MET A 322 10.06 -4.45 -3.16
N ASP A 323 11.24 -4.87 -2.72
CA ASP A 323 11.48 -5.11 -1.30
C ASP A 323 12.77 -4.52 -0.77
N GLN A 324 13.42 -3.63 -1.53
CA GLN A 324 14.70 -3.07 -1.11
C GLN A 324 15.10 -1.91 -1.99
N PHE A 325 16.01 -1.08 -1.47
CA PHE A 325 16.68 -0.09 -2.30
C PHE A 325 18.02 0.24 -1.68
N MET A 326 18.87 0.90 -2.46
CA MET A 326 20.22 1.27 -2.04
C MET A 326 20.31 2.77 -1.79
N VAL A 327 21.15 3.14 -0.83
CA VAL A 327 21.50 4.54 -0.60
C VAL A 327 23.02 4.70 -0.62
N ASP A 328 23.45 5.89 -0.98
CA ASP A 328 24.86 6.25 -1.08
C ASP A 328 25.32 6.86 0.24
N LEU A 329 26.23 6.19 0.93
CA LEU A 329 26.80 6.71 2.16
C LEU A 329 27.94 7.69 1.90
N GLY A 330 28.41 7.76 0.66
CA GLY A 330 29.52 8.61 0.34
C GLY A 330 30.86 7.93 0.59
N PRO A 331 31.93 8.54 0.07
CA PRO A 331 33.29 8.00 0.26
C PRO A 331 34.01 8.49 1.51
N GLY A 332 33.36 9.28 2.36
CA GLY A 332 33.96 9.70 3.60
C GLY A 332 34.11 8.53 4.55
N PRO A 333 34.75 8.77 5.68
CA PRO A 333 34.95 7.68 6.66
C PRO A 333 33.63 7.00 6.98
N LEU A 334 33.64 5.67 6.94
CA LEU A 334 32.42 4.91 7.10
C LEU A 334 31.89 5.06 8.52
N ASP A 335 30.68 5.60 8.64
CA ASP A 335 30.05 5.83 9.93
C ASP A 335 28.72 5.10 10.06
N VAL A 336 28.51 4.05 9.27
CA VAL A 336 27.30 3.24 9.27
C VAL A 336 27.70 1.77 9.37
N ALA A 337 26.99 1.00 10.20
CA ALA A 337 27.16 -0.44 10.28
C ALA A 337 25.84 -1.14 10.00
N GLU A 338 25.93 -2.39 9.58
CA GLU A 338 24.73 -3.20 9.49
C GLU A 338 24.01 -3.19 10.84
N GLY A 339 22.69 -3.02 10.80
CA GLY A 339 21.90 -2.94 12.01
C GLY A 339 21.65 -1.54 12.50
N ASP A 340 22.31 -0.55 11.92
CA ASP A 340 22.02 0.83 12.27
C ASP A 340 20.65 1.25 11.72
N GLU A 341 20.11 2.32 12.28
CA GLU A 341 18.77 2.79 11.97
C GLU A 341 18.82 3.83 10.86
N ALA A 342 18.04 3.62 9.81
CA ALA A 342 17.86 4.59 8.73
C ALA A 342 16.44 5.12 8.81
N ILE A 343 16.30 6.44 8.86
CA ILE A 343 14.99 7.08 8.95
C ILE A 343 14.61 7.57 7.56
N LEU A 344 13.47 7.08 7.06
CA LEU A 344 12.96 7.50 5.77
C LEU A 344 12.17 8.80 5.90
N PHE A 345 11.25 8.88 6.84
CA PHE A 345 10.63 10.16 7.14
C PHE A 345 10.12 10.17 8.56
N GLY A 346 9.88 11.39 9.04
CA GLY A 346 9.43 11.63 10.38
C GLY A 346 9.03 13.08 10.58
N PRO A 347 8.89 13.51 11.84
CA PRO A 347 8.52 14.91 12.10
C PRO A 347 9.56 15.90 11.66
N GLY A 348 10.80 15.47 11.52
CA GLY A 348 11.91 16.32 11.12
C GLY A 348 12.83 16.75 12.25
N ILE A 349 12.56 16.30 13.49
CA ILE A 349 13.28 16.80 14.67
C ILE A 349 14.78 16.54 14.59
N ARG A 350 15.18 15.44 13.97
CA ARG A 350 16.58 15.05 13.87
C ARG A 350 17.18 15.40 12.52
N GLY A 351 16.47 16.17 11.70
CA GLY A 351 16.91 16.49 10.36
C GLY A 351 16.50 15.50 9.30
N GLU A 352 15.68 14.50 9.64
CA GLU A 352 15.19 13.53 8.69
C GLU A 352 14.18 14.19 7.75
N PRO A 353 13.97 13.61 6.57
CA PRO A 353 12.88 14.08 5.71
C PRO A 353 11.54 13.93 6.41
N THR A 354 10.58 14.68 5.91
CA THR A 354 9.20 14.58 6.37
C THR A 354 8.33 13.89 5.31
N ALA A 355 7.11 13.54 5.73
CA ALA A 355 6.14 13.03 4.79
C ALA A 355 5.84 14.05 3.69
N GLN A 356 5.79 15.33 4.06
CA GLN A 356 5.62 16.37 3.05
C GLN A 356 6.76 16.33 2.03
N ASP A 357 7.99 16.02 2.46
CA ASP A 357 9.08 15.93 1.50
C ASP A 357 8.80 14.85 0.46
N TRP A 358 8.38 13.67 0.91
CA TRP A 358 7.99 12.62 -0.03
C TRP A 358 6.89 13.09 -0.96
N ALA A 359 5.87 13.74 -0.40
CA ALA A 359 4.76 14.23 -1.20
C ALA A 359 5.24 15.16 -2.30
N ASP A 360 6.17 16.07 -1.96
CA ASP A 360 6.74 16.99 -2.94
C ASP A 360 7.50 16.23 -4.04
N LEU A 361 8.26 15.20 -3.65
CA LEU A 361 9.11 14.49 -4.60
C LEU A 361 8.29 13.71 -5.62
N VAL A 362 7.16 13.15 -5.20
CA VAL A 362 6.39 12.27 -6.08
C VAL A 362 5.13 12.93 -6.64
N GLY A 363 4.83 14.16 -6.22
CA GLY A 363 3.69 14.87 -6.74
C GLY A 363 2.38 14.47 -6.11
N THR A 364 2.35 14.28 -4.79
CA THR A 364 1.12 13.92 -4.09
C THR A 364 1.03 14.74 -2.82
N ILE A 365 0.26 14.23 -1.87
CA ILE A 365 -0.02 14.90 -0.60
C ILE A 365 0.38 13.94 0.51
N HIS A 366 0.71 14.49 1.67
CA HIS A 366 1.19 13.64 2.74
CA HIS A 366 1.19 13.64 2.74
C HIS A 366 0.11 12.69 3.24
N TYR A 367 -1.18 13.01 3.02
CA TYR A 367 -2.24 12.04 3.31
C TYR A 367 -1.93 10.69 2.68
N GLU A 368 -1.49 10.70 1.42
CA GLU A 368 -1.22 9.44 0.71
C GLU A 368 0.08 8.81 1.19
N VAL A 369 1.05 9.64 1.56
CA VAL A 369 2.30 9.12 2.07
C VAL A 369 2.06 8.26 3.31
N VAL A 370 1.26 8.76 4.26
CA VAL A 370 1.15 8.05 5.53
C VAL A 370 0.20 6.86 5.44
N THR A 371 -0.66 6.79 4.42
CA THR A 371 -1.45 5.59 4.23
C THR A 371 -0.72 4.56 3.36
N SER A 372 0.58 4.78 3.06
CA SER A 372 1.32 3.87 2.19
C SER A 372 2.09 2.80 2.96
N PRO A 373 2.78 3.12 4.06
CA PRO A 373 3.63 2.10 4.70
C PRO A 373 2.87 0.87 5.14
N ARG A 374 3.45 -0.28 4.86
CA ARG A 374 2.78 -1.56 5.07
C ARG A 374 3.80 -2.68 4.87
N GLY A 375 3.30 -3.89 4.78
CA GLY A 375 4.18 -5.01 4.50
C GLY A 375 5.14 -5.20 5.65
N ARG A 376 6.44 -5.11 5.33
CA ARG A 376 7.49 -5.23 6.33
C ARG A 376 7.55 -4.05 7.29
N ILE A 377 6.91 -2.94 6.97
CA ILE A 377 6.96 -1.78 7.87
C ILE A 377 5.88 -2.00 8.92
N THR A 378 6.31 -2.51 10.09
CA THR A 378 5.41 -2.83 11.19
C THR A 378 5.05 -1.57 11.95
N ARG A 379 3.78 -1.39 12.25
CA ARG A 379 3.35 -0.25 13.04
C ARG A 379 3.67 -0.49 14.51
N THR A 380 4.32 0.49 15.13
CA THR A 380 4.71 0.44 16.54
C THR A 380 4.32 1.77 17.17
N TYR A 381 4.39 1.82 18.51
CA TYR A 381 3.90 2.98 19.25
C TYR A 381 4.90 3.37 20.32
N ARG A 382 5.10 4.67 20.45
CA ARG A 382 5.77 5.28 21.60
C ARG A 382 4.69 5.96 22.43
N GLU A 383 4.57 5.57 23.70
CA GLU A 383 3.56 6.13 24.58
C GLU A 383 3.85 7.59 24.91
N ALA A 384 2.80 8.33 25.23
CA ALA A 384 2.89 9.76 25.54
C ALA A 384 3.67 10.00 26.84
N LEU B 13 -19.40 -7.59 -1.73
CA LEU B 13 -18.17 -6.92 -1.31
C LEU B 13 -18.10 -5.49 -1.84
N LEU B 14 -17.54 -4.60 -1.02
CA LEU B 14 -17.35 -3.22 -1.45
C LEU B 14 -16.43 -3.16 -2.67
N ALA B 15 -15.34 -3.91 -2.62
CA ALA B 15 -14.38 -3.94 -3.71
C ALA B 15 -13.56 -5.21 -3.56
N GLU B 16 -12.98 -5.67 -4.66
CA GLU B 16 -12.23 -6.91 -4.56
C GLU B 16 -11.12 -6.96 -5.60
N ALA B 17 -10.06 -7.66 -5.22
CA ALA B 17 -8.98 -8.03 -6.12
C ALA B 17 -9.15 -9.52 -6.34
N MET B 18 -9.83 -9.88 -7.42
CA MET B 18 -10.10 -11.28 -7.73
CA MET B 18 -10.10 -11.28 -7.73
C MET B 18 -8.91 -11.89 -8.46
N VAL B 19 -8.37 -12.97 -7.91
CA VAL B 19 -7.22 -13.67 -8.48
C VAL B 19 -7.76 -14.93 -9.14
N ASP B 20 -7.63 -15.00 -10.47
CA ASP B 20 -8.07 -16.16 -11.23
C ASP B 20 -6.97 -17.21 -11.21
N LEU B 21 -7.16 -18.23 -10.38
CA LEU B 21 -6.15 -19.28 -10.29
C LEU B 21 -6.09 -20.11 -11.57
N GLY B 22 -7.14 -20.07 -12.38
CA GLY B 22 -7.04 -20.66 -13.70
C GLY B 22 -6.00 -19.96 -14.55
N ALA B 23 -5.91 -18.63 -14.41
CA ALA B 23 -4.89 -17.89 -15.15
C ALA B 23 -3.51 -18.21 -14.62
N ILE B 24 -3.35 -18.27 -13.29
CA ILE B 24 -2.08 -18.68 -12.70
C ILE B 24 -1.63 -20.02 -13.27
N GLU B 25 -2.54 -21.00 -13.30
CA GLU B 25 -2.20 -22.30 -13.86
C GLU B 25 -1.75 -22.18 -15.31
N HIS B 26 -2.52 -21.46 -16.13
CA HIS B 26 -2.16 -21.28 -17.53
C HIS B 26 -0.76 -20.69 -17.66
N ASN B 27 -0.49 -19.64 -16.89
CA ASN B 27 0.79 -18.94 -16.96
C ASN B 27 1.94 -19.85 -16.57
N VAL B 28 1.76 -20.65 -15.52
CA VAL B 28 2.81 -21.57 -15.11
C VAL B 28 3.08 -22.59 -16.21
N ARG B 29 2.02 -23.09 -16.86
CA ARG B 29 2.24 -24.06 -17.93
C ARG B 29 2.96 -23.40 -19.11
N VAL B 30 2.60 -22.16 -19.44
CA VAL B 30 3.33 -21.43 -20.49
C VAL B 30 4.80 -21.29 -20.13
N LEU B 31 5.08 -20.90 -18.88
CA LEU B 31 6.46 -20.73 -18.43
C LEU B 31 7.24 -22.03 -18.51
N ARG B 32 6.60 -23.15 -18.14
CA ARG B 32 7.26 -24.46 -18.22
C ARG B 32 7.60 -24.82 -19.67
N GLU B 33 6.73 -24.45 -20.62
CA GLU B 33 7.06 -24.69 -22.02
C GLU B 33 8.32 -23.92 -22.41
N HIS B 34 8.41 -22.66 -22.00
CA HIS B 34 9.59 -21.87 -22.34
C HIS B 34 10.83 -22.39 -21.64
N ALA B 35 10.69 -22.92 -20.42
CA ALA B 35 11.84 -23.36 -19.64
C ALA B 35 12.41 -24.66 -20.14
N GLY B 36 11.63 -25.41 -20.92
CA GLY B 36 12.10 -26.68 -21.43
C GLY B 36 12.40 -27.63 -20.30
N HIS B 37 13.61 -28.19 -20.31
N HIS B 37 13.60 -28.20 -20.31
CA HIS B 37 13.98 -29.17 -19.31
CA HIS B 37 13.99 -29.18 -19.31
C HIS B 37 14.33 -28.55 -17.96
C HIS B 37 14.34 -28.55 -17.96
N ALA B 38 14.43 -27.23 -17.87
CA ALA B 38 14.76 -26.59 -16.60
C ALA B 38 13.57 -26.64 -15.65
N GLN B 39 13.83 -26.95 -14.40
CA GLN B 39 12.79 -26.92 -13.38
C GLN B 39 12.42 -25.47 -13.07
N LEU B 40 11.20 -25.30 -12.57
CA LEU B 40 10.62 -23.98 -12.37
C LEU B 40 10.47 -23.71 -10.87
N MET B 41 11.06 -22.62 -10.43
CA MET B 41 10.88 -22.08 -9.09
C MET B 41 9.97 -20.85 -9.19
N ALA B 42 8.74 -20.98 -8.69
CA ALA B 42 7.80 -19.89 -8.76
C ALA B 42 8.07 -18.89 -7.64
N VAL B 43 8.25 -17.62 -8.00
CA VAL B 43 8.59 -16.60 -7.02
C VAL B 43 7.32 -15.98 -6.48
N VAL B 44 7.10 -16.16 -5.17
CA VAL B 44 5.85 -15.76 -4.53
C VAL B 44 6.14 -14.84 -3.35
N LYS B 45 7.27 -14.14 -3.39
CA LYS B 45 7.55 -13.13 -2.38
C LYS B 45 6.51 -12.02 -2.43
N ALA B 46 6.47 -11.22 -1.35
CA ALA B 46 5.55 -10.10 -1.22
C ALA B 46 4.10 -10.57 -1.34
N ASP B 47 3.80 -11.67 -0.65
CA ASP B 47 2.47 -12.26 -0.63
C ASP B 47 1.99 -12.52 -2.06
N GLY B 48 2.83 -13.22 -2.81
CA GLY B 48 2.54 -13.54 -4.19
C GLY B 48 2.35 -12.31 -5.06
N TYR B 49 3.23 -11.32 -4.90
CA TYR B 49 3.13 -10.06 -5.63
C TYR B 49 1.72 -9.49 -5.47
N GLY B 50 1.19 -9.58 -4.25
CA GLY B 50 -0.14 -9.11 -3.96
C GLY B 50 -1.27 -10.06 -4.31
N HIS B 51 -0.98 -11.22 -4.92
CA HIS B 51 -2.02 -12.14 -5.35
C HIS B 51 -2.30 -13.24 -4.32
N GLY B 52 -1.50 -13.32 -3.26
CA GLY B 52 -1.63 -14.32 -2.22
C GLY B 52 -0.61 -15.43 -2.39
N ALA B 53 0.45 -15.43 -1.57
CA ALA B 53 1.54 -16.37 -1.77
C ALA B 53 1.06 -17.81 -1.68
N THR B 54 0.26 -18.12 -0.67
CA THR B 54 -0.10 -19.52 -0.45
C THR B 54 -0.97 -20.06 -1.58
N ARG B 55 -2.02 -19.33 -1.95
CA ARG B 55 -2.92 -19.84 -3.01
C ARG B 55 -2.19 -19.92 -4.34
N VAL B 56 -1.37 -18.90 -4.66
CA VAL B 56 -0.61 -18.97 -5.90
C VAL B 56 0.36 -20.14 -5.87
N ALA B 57 1.04 -20.33 -4.73
CA ALA B 57 1.99 -21.42 -4.60
C ALA B 57 1.32 -22.76 -4.83
N GLN B 58 0.18 -22.99 -4.17
CA GLN B 58 -0.52 -24.26 -4.34
C GLN B 58 -0.89 -24.48 -5.80
N THR B 59 -1.39 -23.44 -6.45
CA THR B 59 -1.77 -23.59 -7.85
C THR B 59 -0.55 -23.82 -8.73
N ALA B 60 0.52 -23.06 -8.49
CA ALA B 60 1.73 -23.21 -9.29
C ALA B 60 2.32 -24.60 -9.15
N LEU B 61 2.41 -25.11 -7.92
CA LEU B 61 2.93 -26.46 -7.72
C LEU B 61 2.06 -27.48 -8.43
N GLY B 62 0.74 -27.32 -8.35
CA GLY B 62 -0.16 -28.25 -9.00
C GLY B 62 -0.02 -28.23 -10.51
N ALA B 63 0.43 -27.10 -11.06
CA ALA B 63 0.64 -26.94 -12.49
C ALA B 63 2.06 -27.33 -12.90
N GLY B 64 2.88 -27.81 -11.96
CA GLY B 64 4.17 -28.37 -12.30
C GLY B 64 5.37 -27.57 -11.89
N ALA B 65 5.19 -26.47 -11.16
CA ALA B 65 6.34 -25.83 -10.54
C ALA B 65 6.99 -26.80 -9.57
N ALA B 66 8.30 -26.79 -9.55
CA ALA B 66 9.04 -27.71 -8.69
C ALA B 66 9.31 -27.11 -7.32
N GLU B 67 9.49 -25.80 -7.26
CA GLU B 67 9.97 -25.16 -6.05
C GLU B 67 9.34 -23.78 -5.94
N LEU B 68 9.51 -23.20 -4.76
CA LEU B 68 9.04 -21.85 -4.46
C LEU B 68 10.21 -20.96 -4.04
N GLY B 69 10.16 -19.69 -4.49
CA GLY B 69 11.14 -18.70 -4.06
C GLY B 69 10.49 -17.53 -3.36
N VAL B 70 11.04 -17.13 -2.21
CA VAL B 70 10.58 -15.95 -1.49
C VAL B 70 11.79 -15.14 -1.08
N ALA B 71 11.53 -13.90 -0.66
CA ALA B 71 12.62 -13.09 -0.12
C ALA B 71 13.04 -13.56 1.27
N THR B 72 12.12 -13.59 2.23
CA THR B 72 12.49 -13.75 3.63
C THR B 72 12.12 -15.12 4.19
N VAL B 73 12.87 -15.52 5.20
CA VAL B 73 12.50 -16.70 5.97
C VAL B 73 11.09 -16.53 6.52
N ASP B 74 10.71 -15.32 6.93
CA ASP B 74 9.35 -15.14 7.41
C ASP B 74 8.33 -15.54 6.35
N GLU B 75 8.56 -15.17 5.09
CA GLU B 75 7.63 -15.55 4.03
C GLU B 75 7.60 -17.06 3.85
N ALA B 76 8.77 -17.71 3.96
CA ALA B 76 8.84 -19.16 3.83
C ALA B 76 8.12 -19.85 4.98
N LEU B 77 8.27 -19.33 6.21
CA LEU B 77 7.57 -19.92 7.36
C LEU B 77 6.07 -19.75 7.24
N ALA B 78 5.61 -18.67 6.61
CA ALA B 78 4.17 -18.52 6.42
C ALA B 78 3.64 -19.58 5.45
N LEU B 79 4.36 -19.86 4.38
CA LEU B 79 3.96 -20.94 3.49
C LEU B 79 3.94 -22.26 4.22
N ARG B 80 4.99 -22.54 5.00
CA ARG B 80 5.04 -23.77 5.77
C ARG B 80 3.87 -23.88 6.73
N ALA B 81 3.51 -22.77 7.38
CA ALA B 81 2.40 -22.81 8.33
C ALA B 81 1.08 -23.09 7.63
N ASP B 82 0.96 -22.73 6.35
CA ASP B 82 -0.24 -23.00 5.57
C ASP B 82 -0.24 -24.39 4.94
N GLY B 83 0.72 -25.24 5.28
CA GLY B 83 0.71 -26.61 4.83
C GLY B 83 1.55 -26.91 3.61
N ILE B 84 2.26 -25.91 3.08
CA ILE B 84 3.13 -26.13 1.94
C ILE B 84 4.34 -26.93 2.39
N THR B 85 4.61 -28.03 1.69
CA THR B 85 5.75 -28.86 1.99
C THR B 85 6.78 -28.87 0.89
N ALA B 86 6.48 -28.26 -0.26
CA ALA B 86 7.40 -28.21 -1.38
C ALA B 86 8.65 -27.42 -1.00
N PRO B 87 9.73 -27.56 -1.76
CA PRO B 87 10.94 -26.79 -1.46
C PRO B 87 10.66 -25.30 -1.57
N VAL B 88 11.20 -24.57 -0.59
CA VAL B 88 11.08 -23.11 -0.50
CA VAL B 88 11.08 -23.12 -0.51
C VAL B 88 12.46 -22.55 -0.22
N LEU B 89 12.88 -21.58 -1.02
CA LEU B 89 14.17 -20.92 -0.89
C LEU B 89 13.96 -19.47 -0.50
N ALA B 90 14.70 -19.00 0.52
CA ALA B 90 14.65 -17.60 0.95
C ALA B 90 16.03 -16.97 0.79
N TRP B 91 16.09 -15.73 0.24
CA TRP B 91 17.38 -15.18 -0.16
C TRP B 91 17.68 -13.77 0.35
N LEU B 92 16.84 -13.17 1.20
CA LEU B 92 17.12 -11.86 1.80
C LEU B 92 16.96 -11.96 3.31
N HIS B 93 18.06 -11.80 4.05
CA HIS B 93 18.07 -11.99 5.49
C HIS B 93 18.61 -10.76 6.19
N PRO B 94 17.85 -10.19 7.13
CA PRO B 94 18.32 -9.02 7.84
C PRO B 94 19.42 -9.40 8.82
N PRO B 95 20.31 -8.47 9.15
CA PRO B 95 21.21 -8.68 10.29
C PRO B 95 20.45 -9.11 11.53
N GLY B 96 21.06 -10.04 12.26
CA GLY B 96 20.48 -10.53 13.49
C GLY B 96 19.53 -11.69 13.35
N ILE B 97 19.26 -12.15 12.12
CA ILE B 97 18.33 -13.24 11.93
C ILE B 97 18.80 -14.50 12.66
N ASP B 98 17.84 -15.21 13.22
CA ASP B 98 18.03 -16.56 13.73
C ASP B 98 17.64 -17.52 12.62
N PHE B 99 18.64 -18.19 12.03
CA PHE B 99 18.36 -19.20 11.01
C PHE B 99 17.79 -20.51 11.58
N GLY B 100 17.74 -20.67 12.90
CA GLY B 100 17.29 -21.91 13.49
C GLY B 100 15.88 -22.30 13.05
N PRO B 101 14.93 -21.39 13.15
CA PRO B 101 13.57 -21.75 12.72
C PRO B 101 13.50 -22.16 11.26
N ALA B 102 14.27 -21.49 10.38
CA ALA B 102 14.29 -21.90 8.98
C ALA B 102 14.74 -23.35 8.87
N LEU B 103 15.80 -23.71 9.59
CA LEU B 103 16.32 -25.06 9.49
C LEU B 103 15.30 -26.07 9.98
N LEU B 104 14.66 -25.78 11.11
CA LEU B 104 13.70 -26.73 11.65
C LEU B 104 12.46 -26.86 10.76
N ALA B 105 12.16 -25.87 9.92
CA ALA B 105 11.01 -25.93 9.03
C ALA B 105 11.41 -26.32 7.61
N ASP B 106 12.61 -26.84 7.41
CA ASP B 106 13.04 -27.32 6.10
C ASP B 106 12.92 -26.21 5.06
N VAL B 107 13.38 -25.02 5.44
CA VAL B 107 13.48 -23.89 4.53
C VAL B 107 14.92 -23.80 4.03
N GLN B 108 15.07 -23.73 2.72
CA GLN B 108 16.38 -23.51 2.13
CA GLN B 108 16.38 -23.51 2.12
C GLN B 108 16.81 -22.06 2.30
N VAL B 109 18.09 -21.87 2.55
CA VAL B 109 18.65 -20.55 2.82
C VAL B 109 19.69 -20.22 1.76
N ALA B 110 19.53 -19.09 1.09
CA ALA B 110 20.57 -18.56 0.23
C ALA B 110 21.40 -17.55 1.02
N VAL B 111 22.70 -17.80 1.10
CA VAL B 111 23.63 -16.92 1.81
C VAL B 111 24.36 -16.07 0.80
N SER B 112 24.67 -14.83 1.20
CA SER B 112 25.31 -13.88 0.31
C SER B 112 26.54 -13.24 0.95
N SER B 113 27.05 -13.82 2.03
CA SER B 113 28.29 -13.36 2.62
C SER B 113 28.84 -14.47 3.52
N LEU B 114 30.13 -14.39 3.78
CA LEU B 114 30.73 -15.33 4.72
C LEU B 114 30.14 -15.16 6.11
N ARG B 115 29.83 -13.92 6.50
CA ARG B 115 29.18 -13.71 7.80
C ARG B 115 27.87 -14.48 7.87
N GLN B 116 27.03 -14.40 6.82
CA GLN B 116 25.77 -15.13 6.84
C GLN B 116 26.00 -16.62 6.89
N LEU B 117 26.98 -17.12 6.14
CA LEU B 117 27.29 -18.54 6.20
C LEU B 117 27.69 -18.94 7.63
N ASP B 118 28.55 -18.15 8.27
CA ASP B 118 28.95 -18.48 9.62
C ASP B 118 27.76 -18.47 10.56
N GLU B 119 26.85 -17.51 10.38
CA GLU B 119 25.63 -17.46 11.18
C GLU B 119 24.80 -18.72 10.96
N LEU B 120 24.62 -19.11 9.69
CA LEU B 120 23.87 -20.33 9.38
C LEU B 120 24.53 -21.56 10.00
N LEU B 121 25.87 -21.63 9.97
CA LEU B 121 26.56 -22.79 10.52
C LEU B 121 26.39 -22.88 12.03
N HIS B 122 26.43 -21.73 12.71
CA HIS B 122 26.13 -21.76 14.14
C HIS B 122 24.74 -22.29 14.39
N ALA B 123 23.77 -21.92 13.54
CA ALA B 123 22.42 -22.41 13.69
C ALA B 123 22.33 -23.90 13.39
N VAL B 124 23.11 -24.40 12.43
CA VAL B 124 23.15 -25.84 12.17
C VAL B 124 23.62 -26.59 13.41
N ARG B 125 24.68 -26.09 14.05
CA ARG B 125 25.20 -26.75 15.23
C ARG B 125 24.17 -26.75 16.36
N ARG B 126 23.44 -25.64 16.50
CA ARG B 126 22.46 -25.49 17.58
C ARG B 126 21.23 -26.39 17.37
N THR B 127 20.72 -26.46 16.15
CA THR B 127 19.54 -27.26 15.85
C THR B 127 19.86 -28.72 15.53
N GLY B 128 21.10 -29.02 15.15
CA GLY B 128 21.40 -30.36 14.66
C GLY B 128 20.86 -30.67 13.28
N ARG B 129 20.46 -29.67 12.51
CA ARG B 129 19.83 -29.86 11.22
C ARG B 129 20.75 -29.33 10.13
N THR B 130 21.12 -30.21 9.19
CA THR B 130 21.93 -29.80 8.05
C THR B 130 21.20 -28.73 7.23
N ALA B 131 21.91 -27.68 6.85
CA ALA B 131 21.32 -26.62 6.04
C ALA B 131 21.39 -26.97 4.56
N THR B 132 20.28 -26.78 3.86
CA THR B 132 20.27 -26.93 2.41
C THR B 132 20.55 -25.55 1.84
N VAL B 133 21.80 -25.33 1.43
CA VAL B 133 22.35 -24.01 1.20
C VAL B 133 22.39 -23.68 -0.28
N THR B 134 22.07 -22.44 -0.60
CA THR B 134 22.33 -21.84 -1.91
C THR B 134 23.23 -20.64 -1.67
N VAL B 135 24.12 -20.34 -2.60
CA VAL B 135 24.95 -19.15 -2.53
C VAL B 135 24.47 -18.17 -3.59
N LYS B 136 24.24 -16.92 -3.16
CA LYS B 136 23.79 -15.84 -4.05
C LYS B 136 24.99 -14.98 -4.39
N VAL B 137 25.33 -14.93 -5.67
CA VAL B 137 26.50 -14.23 -6.15
C VAL B 137 26.07 -13.04 -7.00
N ASP B 138 26.88 -12.00 -6.96
CA ASP B 138 26.63 -10.80 -7.74
C ASP B 138 27.22 -10.97 -9.14
N THR B 139 26.38 -10.88 -10.17
CA THR B 139 26.84 -10.85 -11.55
C THR B 139 26.57 -9.51 -12.22
N GLY B 140 26.18 -8.49 -11.46
CA GLY B 140 25.97 -7.18 -12.04
C GLY B 140 25.01 -6.26 -11.33
N LEU B 141 24.05 -6.80 -10.57
CA LEU B 141 23.07 -5.93 -9.92
C LEU B 141 23.71 -5.05 -8.86
N ASN B 142 24.77 -5.52 -8.23
CA ASN B 142 25.47 -4.77 -7.21
C ASN B 142 24.57 -4.51 -6.00
N ARG B 143 23.71 -5.47 -5.68
CA ARG B 143 22.96 -5.38 -4.43
CA ARG B 143 22.96 -5.38 -4.43
C ARG B 143 23.62 -6.30 -3.40
N ASN B 144 22.97 -7.39 -2.99
CA ASN B 144 23.56 -8.19 -1.90
C ASN B 144 24.34 -9.44 -2.33
N GLY B 145 24.54 -9.72 -3.62
CA GLY B 145 25.29 -10.91 -3.98
C GLY B 145 26.75 -10.88 -3.54
N VAL B 146 27.32 -12.07 -3.28
CA VAL B 146 28.76 -12.23 -3.06
C VAL B 146 29.52 -11.81 -4.32
N GLY B 147 30.60 -11.06 -4.15
CA GLY B 147 31.41 -10.66 -5.27
C GLY B 147 32.48 -11.68 -5.65
N PRO B 148 33.07 -11.52 -6.84
CA PRO B 148 34.02 -12.54 -7.31
C PRO B 148 35.20 -12.76 -6.38
N ALA B 149 35.74 -11.70 -5.78
CA ALA B 149 36.95 -11.83 -4.98
C ALA B 149 36.67 -12.55 -3.66
N GLN B 150 35.44 -12.48 -3.16
CA GLN B 150 35.04 -13.11 -1.91
C GLN B 150 34.50 -14.51 -2.11
N PHE B 151 34.25 -14.91 -3.35
CA PHE B 151 33.64 -16.22 -3.61
C PHE B 151 34.56 -17.36 -3.18
N PRO B 152 35.86 -17.38 -3.51
CA PRO B 152 36.68 -18.55 -3.13
C PRO B 152 36.67 -18.84 -1.63
N ALA B 153 36.76 -17.80 -0.79
CA ALA B 153 36.70 -18.01 0.65
C ALA B 153 35.37 -18.62 1.06
N MET B 154 34.30 -18.19 0.42
CA MET B 154 33.01 -18.80 0.71
CA MET B 154 32.99 -18.79 0.65
C MET B 154 33.00 -20.25 0.25
N LEU B 155 33.55 -20.56 -0.93
CA LEU B 155 33.61 -21.95 -1.39
C LEU B 155 34.41 -22.82 -0.41
N THR B 156 35.56 -22.32 0.04
CA THR B 156 36.37 -23.08 0.98
C THR B 156 35.60 -23.37 2.26
N ALA B 157 34.94 -22.36 2.82
CA ALA B 157 34.13 -22.56 4.01
C ALA B 157 33.00 -23.54 3.75
N LEU B 158 32.37 -23.43 2.58
CA LEU B 158 31.29 -24.35 2.22
C LEU B 158 31.80 -25.77 2.08
N ARG B 159 32.93 -25.94 1.41
CA ARG B 159 33.47 -27.28 1.22
C ARG B 159 33.83 -27.91 2.55
N GLN B 160 34.44 -27.13 3.45
CA GLN B 160 34.76 -27.65 4.76
C GLN B 160 33.49 -28.00 5.54
N ALA B 161 32.46 -27.14 5.44
CA ALA B 161 31.19 -27.44 6.10
C ALA B 161 30.53 -28.66 5.48
N MET B 162 30.64 -28.81 4.16
CA MET B 162 30.10 -30.01 3.50
CA MET B 162 30.09 -30.00 3.53
C MET B 162 30.83 -31.26 3.97
N ALA B 163 32.15 -31.15 4.14
CA ALA B 163 32.96 -32.30 4.53
C ALA B 163 32.65 -32.80 5.92
N GLU B 164 31.90 -32.04 6.73
CA GLU B 164 31.42 -32.50 8.02
C GLU B 164 29.90 -32.58 8.09
N ASP B 165 29.23 -32.64 6.94
CA ASP B 165 27.79 -32.86 6.86
CA ASP B 165 27.79 -32.86 6.86
C ASP B 165 26.97 -31.71 7.47
N ALA B 166 27.55 -30.51 7.54
CA ALA B 166 26.85 -29.36 8.08
C ALA B 166 25.94 -28.70 7.05
N VAL B 167 26.29 -28.81 5.77
CA VAL B 167 25.47 -28.23 4.72
C VAL B 167 25.36 -29.22 3.57
N ARG B 168 24.27 -29.08 2.84
CA ARG B 168 24.07 -29.69 1.53
C ARG B 168 24.20 -28.55 0.53
N LEU B 169 25.13 -28.67 -0.43
CA LEU B 169 25.38 -27.59 -1.38
CA LEU B 169 25.39 -27.60 -1.39
C LEU B 169 24.41 -27.74 -2.54
N ARG B 170 23.24 -27.14 -2.36
CA ARG B 170 22.15 -27.26 -3.31
C ARG B 170 22.32 -26.32 -4.51
N GLY B 171 22.50 -25.04 -4.28
CA GLY B 171 22.31 -24.06 -5.34
C GLY B 171 23.34 -22.97 -5.42
N LEU B 172 23.53 -22.50 -6.65
CA LEU B 172 24.17 -21.24 -6.95
C LEU B 172 23.16 -20.37 -7.68
N MET B 173 23.01 -19.12 -7.24
CA MET B 173 22.01 -18.24 -7.85
C MET B 173 22.57 -16.85 -8.06
N SER B 174 22.02 -16.17 -9.06
CA SER B 174 22.25 -14.75 -9.28
C SER B 174 21.01 -14.17 -9.96
N HIS B 175 20.98 -12.86 -10.07
CA HIS B 175 19.78 -12.18 -10.54
C HIS B 175 20.15 -11.14 -11.58
N MET B 176 19.25 -10.98 -12.56
CA MET B 176 19.50 -10.17 -13.73
CA MET B 176 19.52 -10.16 -13.72
C MET B 176 19.26 -8.68 -13.49
N VAL B 177 20.13 -7.87 -14.09
CA VAL B 177 20.07 -6.42 -14.06
C VAL B 177 18.85 -5.90 -14.81
N TYR B 178 18.44 -6.56 -15.87
CA TYR B 178 17.25 -6.15 -16.60
C TYR B 178 16.10 -7.11 -16.36
N ALA B 179 15.00 -6.60 -15.81
CA ALA B 179 13.78 -7.40 -15.72
C ALA B 179 12.99 -7.41 -17.02
N ASP B 180 13.28 -6.47 -17.95
CA ASP B 180 12.40 -6.24 -19.08
C ASP B 180 13.14 -5.98 -20.40
N LYS B 181 14.40 -6.41 -20.55
CA LYS B 181 15.21 -6.04 -21.71
C LYS B 181 16.08 -7.22 -22.13
N PRO B 182 15.46 -8.28 -22.62
CA PRO B 182 16.22 -9.51 -22.92
C PRO B 182 17.32 -9.33 -23.96
N ASP B 183 17.24 -8.32 -24.83
CA ASP B 183 18.22 -8.15 -25.89
C ASP B 183 19.48 -7.42 -25.45
N ASP B 184 19.50 -6.84 -24.26
CA ASP B 184 20.68 -6.11 -23.81
C ASP B 184 21.80 -7.08 -23.53
N SER B 185 23.02 -6.69 -23.93
CA SER B 185 24.16 -7.59 -23.78
C SER B 185 24.55 -7.81 -22.33
N ILE B 186 24.06 -6.99 -21.38
CA ILE B 186 24.34 -7.29 -19.98
C ILE B 186 23.73 -8.64 -19.60
N ASN B 187 22.65 -9.07 -20.25
CA ASN B 187 22.15 -10.42 -20.02
C ASN B 187 23.21 -11.45 -20.31
N ASP B 188 23.83 -11.33 -21.50
CA ASP B 188 24.88 -12.25 -21.90
C ASP B 188 26.08 -12.17 -20.97
N VAL B 189 26.44 -10.95 -20.56
CA VAL B 189 27.57 -10.77 -19.65
C VAL B 189 27.28 -11.46 -18.32
N GLN B 190 26.08 -11.26 -17.79
CA GLN B 190 25.77 -11.91 -16.52
C GLN B 190 25.84 -13.43 -16.64
N ALA B 191 25.39 -13.99 -17.77
CA ALA B 191 25.46 -15.44 -17.92
C ALA B 191 26.91 -15.91 -17.99
N GLN B 192 27.76 -15.14 -18.67
CA GLN B 192 29.19 -15.49 -18.73
CA GLN B 192 29.19 -15.49 -18.73
C GLN B 192 29.84 -15.36 -17.36
N ARG B 193 29.50 -14.31 -16.60
CA ARG B 193 30.03 -14.20 -15.25
C ARG B 193 29.55 -15.35 -14.37
N PHE B 194 28.29 -15.77 -14.57
CA PHE B 194 27.76 -16.89 -13.81
C PHE B 194 28.52 -18.17 -14.13
N THR B 195 28.82 -18.39 -15.40
CA THR B 195 29.62 -19.55 -15.79
C THR B 195 31.01 -19.48 -15.16
N ALA B 196 31.57 -18.28 -15.07
CA ALA B 196 32.87 -18.12 -14.45
C ALA B 196 32.81 -18.43 -12.96
N PHE B 197 31.72 -18.08 -12.28
CA PHE B 197 31.55 -18.47 -10.89
CA PHE B 197 31.59 -18.48 -10.89
C PHE B 197 31.52 -19.99 -10.76
N LEU B 198 30.83 -20.66 -11.67
CA LEU B 198 30.79 -22.12 -11.63
C LEU B 198 32.18 -22.72 -11.85
N ALA B 199 33.00 -22.08 -12.69
CA ALA B 199 34.37 -22.55 -12.90
C ALA B 199 35.21 -22.35 -11.65
N GLN B 200 34.99 -21.25 -10.93
CA GLN B 200 35.66 -21.06 -9.64
C GLN B 200 35.31 -22.18 -8.68
N ALA B 201 34.03 -22.54 -8.60
CA ALA B 201 33.61 -23.63 -7.73
C ALA B 201 34.33 -24.91 -8.09
N ARG B 202 34.39 -25.22 -9.38
CA ARG B 202 35.09 -26.41 -9.83
C ARG B 202 36.55 -26.40 -9.36
N GLU B 203 37.24 -25.27 -9.49
N GLU B 203 37.21 -25.24 -9.49
CA GLU B 203 38.65 -25.29 -9.12
CA GLU B 203 38.61 -25.12 -9.09
C GLU B 203 38.86 -25.21 -7.60
C GLU B 203 38.81 -25.34 -7.61
N GLN B 204 37.79 -25.04 -6.80
CA GLN B 204 37.86 -25.23 -5.36
CA GLN B 204 37.86 -25.23 -5.37
C GLN B 204 37.22 -26.54 -4.94
N GLY B 205 36.99 -27.46 -5.88
CA GLY B 205 36.49 -28.79 -5.54
C GLY B 205 35.06 -28.84 -5.07
N VAL B 206 34.23 -27.91 -5.51
CA VAL B 206 32.86 -27.74 -5.05
C VAL B 206 31.94 -27.87 -6.26
N ARG B 207 30.87 -28.65 -6.12
CA ARG B 207 29.85 -28.83 -7.14
C ARG B 207 28.51 -28.44 -6.52
N PHE B 208 27.80 -27.51 -7.15
CA PHE B 208 26.42 -27.24 -6.75
C PHE B 208 25.47 -28.17 -7.49
N GLU B 209 24.37 -28.54 -6.85
CA GLU B 209 23.39 -29.39 -7.52
C GLU B 209 22.76 -28.68 -8.70
N VAL B 210 22.40 -27.42 -8.52
CA VAL B 210 21.72 -26.62 -9.54
C VAL B 210 22.26 -25.20 -9.50
N ALA B 211 22.19 -24.55 -10.66
CA ALA B 211 22.50 -23.14 -10.81
C ALA B 211 21.32 -22.45 -11.46
N HIS B 212 21.01 -21.22 -11.03
CA HIS B 212 19.91 -20.51 -11.66
C HIS B 212 20.13 -19.00 -11.68
N LEU B 213 19.82 -18.43 -12.84
CA LEU B 213 19.97 -17.01 -13.13
C LEU B 213 18.68 -16.34 -13.62
N SER B 214 17.71 -17.09 -14.15
CA SER B 214 16.68 -16.53 -15.02
C SER B 214 15.45 -16.05 -14.26
N ASN B 215 15.07 -14.80 -14.50
CA ASN B 215 13.77 -14.23 -14.13
C ASN B 215 12.76 -14.56 -15.23
N SER B 216 11.57 -13.94 -15.15
CA SER B 216 10.56 -14.17 -16.19
C SER B 216 11.05 -13.77 -17.57
N SER B 217 11.65 -12.58 -17.69
CA SER B 217 12.10 -12.08 -18.99
C SER B 217 13.11 -13.02 -19.62
N ALA B 218 14.08 -13.49 -18.83
CA ALA B 218 15.07 -14.43 -19.36
C ALA B 218 14.44 -15.77 -19.71
N THR B 219 13.59 -16.29 -18.84
CA THR B 219 12.90 -17.55 -19.09
C THR B 219 12.18 -17.51 -20.43
N MET B 220 11.43 -16.45 -20.69
CA MET B 220 10.58 -16.44 -21.87
CA MET B 220 10.56 -16.39 -21.86
C MET B 220 11.28 -15.93 -23.12
N ALA B 221 12.32 -15.10 -22.98
CA ALA B 221 12.94 -14.47 -24.14
C ALA B 221 14.40 -14.82 -24.36
N ARG B 222 15.09 -15.38 -23.37
CA ARG B 222 16.49 -15.77 -23.51
C ARG B 222 16.69 -17.20 -23.03
N PRO B 223 16.02 -18.17 -23.68
CA PRO B 223 16.25 -19.57 -23.32
C PRO B 223 17.67 -20.01 -23.51
N ASP B 224 18.44 -19.33 -24.36
CA ASP B 224 19.86 -19.64 -24.51
C ASP B 224 20.68 -19.32 -23.25
N LEU B 225 20.10 -18.59 -22.29
CA LEU B 225 20.80 -18.24 -21.05
C LEU B 225 20.28 -19.03 -19.86
N THR B 226 19.42 -20.00 -20.07
CA THR B 226 18.87 -20.79 -18.98
C THR B 226 19.89 -21.81 -18.46
N PHE B 227 20.02 -21.87 -17.14
CA PHE B 227 20.86 -22.86 -16.47
C PHE B 227 19.98 -24.03 -16.05
N ASP B 228 19.99 -24.48 -14.79
CA ASP B 228 19.26 -25.68 -14.40
C ASP B 228 17.84 -25.41 -13.93
N LEU B 229 17.60 -24.24 -13.37
CA LEU B 229 16.29 -23.83 -12.90
C LEU B 229 16.00 -22.43 -13.43
N VAL B 230 14.72 -22.12 -13.55
CA VAL B 230 14.26 -20.76 -13.82
C VAL B 230 13.48 -20.29 -12.61
N ARG B 231 13.49 -18.96 -12.39
CA ARG B 231 12.89 -18.32 -11.22
C ARG B 231 11.92 -17.20 -11.63
N PRO B 232 10.85 -17.54 -12.33
CA PRO B 232 9.91 -16.49 -12.75
C PRO B 232 8.98 -16.02 -11.63
N GLY B 233 8.82 -14.70 -11.55
CA GLY B 233 7.78 -14.11 -10.71
C GLY B 233 6.68 -13.48 -11.54
N ILE B 234 6.97 -12.33 -12.16
CA ILE B 234 5.93 -11.49 -12.73
C ILE B 234 5.07 -12.27 -13.74
N ALA B 235 5.68 -13.17 -14.51
CA ALA B 235 4.94 -13.89 -15.53
C ALA B 235 3.98 -14.91 -14.92
N VAL B 236 4.26 -15.43 -13.72
CA VAL B 236 3.31 -16.32 -13.06
C VAL B 236 1.98 -15.62 -12.87
N TYR B 237 2.02 -14.34 -12.56
CA TYR B 237 0.84 -13.49 -12.36
C TYR B 237 0.25 -13.00 -13.66
N GLY B 238 0.83 -13.41 -14.79
CA GLY B 238 0.30 -13.09 -16.09
C GLY B 238 0.72 -11.75 -16.64
N LEU B 239 1.59 -11.03 -15.96
CA LEU B 239 1.99 -9.70 -16.38
C LEU B 239 3.22 -9.79 -17.28
N SER B 240 3.19 -9.09 -18.39
CA SER B 240 4.19 -9.32 -19.41
C SER B 240 5.58 -8.93 -18.91
N PRO B 241 6.56 -9.84 -18.98
CA PRO B 241 7.92 -9.45 -18.60
C PRO B 241 8.60 -8.56 -19.60
N VAL B 242 8.06 -8.42 -20.80
CA VAL B 242 8.60 -7.51 -21.80
C VAL B 242 7.42 -6.77 -22.40
N PRO B 243 6.94 -5.71 -21.77
CA PRO B 243 5.64 -5.15 -22.18
C PRO B 243 5.55 -4.76 -23.65
N ALA B 244 6.66 -4.34 -24.28
CA ALA B 244 6.62 -3.96 -25.69
C ALA B 244 6.26 -5.12 -26.60
N LEU B 245 6.39 -6.36 -26.12
CA LEU B 245 6.06 -7.54 -26.90
C LEU B 245 4.58 -7.91 -26.83
N GLY B 246 3.80 -7.23 -26.00
CA GLY B 246 2.43 -7.62 -25.78
C GLY B 246 2.32 -8.60 -24.63
N ASP B 247 1.25 -9.41 -24.66
CA ASP B 247 0.96 -10.22 -23.48
C ASP B 247 1.78 -11.50 -23.41
N MET B 248 2.55 -11.81 -24.45
CA MET B 248 3.48 -12.95 -24.48
C MET B 248 2.78 -14.27 -24.16
N GLY B 249 1.49 -14.34 -24.51
CA GLY B 249 0.72 -15.56 -24.32
C GLY B 249 0.26 -15.80 -22.90
N LEU B 250 0.45 -14.84 -22.01
CA LEU B 250 0.08 -14.90 -20.61
C LEU B 250 -1.25 -14.19 -20.37
N VAL B 251 -1.88 -14.54 -19.25
CA VAL B 251 -3.14 -13.92 -18.85
C VAL B 251 -2.99 -13.30 -17.47
N PRO B 252 -3.00 -11.97 -17.36
CA PRO B 252 -2.92 -11.34 -16.02
C PRO B 252 -4.00 -11.92 -15.11
N ALA B 253 -3.60 -12.32 -13.91
CA ALA B 253 -4.49 -13.06 -13.02
C ALA B 253 -5.33 -12.19 -12.10
N MET B 254 -4.99 -10.92 -11.91
CA MET B 254 -5.71 -10.06 -10.97
C MET B 254 -6.67 -9.13 -11.70
N THR B 255 -7.91 -9.09 -11.22
CA THR B 255 -8.93 -8.15 -11.66
C THR B 255 -9.38 -7.35 -10.43
N VAL B 256 -9.18 -6.04 -10.47
CA VAL B 256 -9.62 -5.15 -9.40
C VAL B 256 -10.93 -4.52 -9.82
N LYS B 257 -11.95 -4.64 -8.96
CA LYS B 257 -13.30 -4.18 -9.25
C LYS B 257 -13.96 -3.69 -7.98
N CYS B 258 -15.01 -2.90 -8.17
CA CYS B 258 -15.72 -2.36 -7.03
CA CYS B 258 -15.67 -2.21 -7.07
C CYS B 258 -17.12 -1.97 -7.45
N ALA B 259 -18.00 -1.95 -6.46
CA ALA B 259 -19.41 -1.67 -6.74
C ALA B 259 -19.65 -0.16 -6.82
N VAL B 260 -20.58 0.22 -7.69
CA VAL B 260 -21.00 1.61 -7.78
C VAL B 260 -21.81 1.94 -6.53
N ALA B 261 -21.32 2.90 -5.74
CA ALA B 261 -21.96 3.22 -4.47
C ALA B 261 -23.02 4.30 -4.56
N LEU B 262 -22.98 5.12 -5.60
CA LEU B 262 -23.90 6.24 -5.76
C LEU B 262 -23.88 6.67 -7.21
N VAL B 263 -25.06 7.00 -7.73
CA VAL B 263 -25.20 7.65 -9.02
C VAL B 263 -25.83 9.01 -8.77
N LYS B 264 -25.19 10.07 -9.26
CA LYS B 264 -25.55 11.43 -8.90
C LYS B 264 -25.59 12.31 -10.13
N SER B 265 -26.57 13.20 -10.18
CA SER B 265 -26.73 14.18 -11.25
C SER B 265 -25.83 15.38 -11.01
N ILE B 266 -25.25 15.91 -12.08
CA ILE B 266 -24.43 17.12 -12.03
C ILE B 266 -24.89 18.04 -13.16
N ARG B 267 -24.98 19.34 -12.87
CA ARG B 267 -25.33 20.34 -13.85
C ARG B 267 -24.07 20.97 -14.43
N ALA B 268 -24.13 21.35 -15.70
CA ALA B 268 -23.01 22.02 -16.34
C ALA B 268 -22.52 23.17 -15.47
N GLY B 269 -21.19 23.26 -15.32
CA GLY B 269 -20.56 24.31 -14.52
C GLY B 269 -20.28 23.95 -13.08
N GLU B 270 -20.69 22.76 -12.64
CA GLU B 270 -20.48 22.33 -11.27
C GLU B 270 -19.10 21.68 -11.13
N GLY B 271 -18.38 22.06 -10.08
CA GLY B 271 -17.12 21.41 -9.78
C GLY B 271 -17.32 20.14 -8.98
N VAL B 272 -16.31 19.28 -9.00
CA VAL B 272 -16.40 17.97 -8.38
C VAL B 272 -15.14 17.71 -7.56
N SER B 273 -15.33 17.24 -6.34
CA SER B 273 -14.27 16.78 -5.44
C SER B 273 -13.32 17.91 -5.08
N TYR B 274 -12.26 17.60 -4.33
CA TYR B 274 -11.46 18.65 -3.71
C TYR B 274 -10.87 19.60 -4.74
N GLY B 275 -10.88 20.89 -4.40
CA GLY B 275 -10.34 21.90 -5.29
C GLY B 275 -11.16 22.17 -6.53
N HIS B 276 -12.23 21.41 -6.79
CA HIS B 276 -13.03 21.58 -7.99
C HIS B 276 -12.15 21.53 -9.24
N THR B 277 -11.19 20.59 -9.25
CA THR B 277 -10.25 20.49 -10.34
C THR B 277 -10.90 20.04 -11.64
N TRP B 278 -12.13 19.54 -11.58
CA TRP B 278 -12.92 19.21 -12.77
C TRP B 278 -14.24 19.94 -12.67
N ILE B 279 -14.62 20.61 -13.76
CA ILE B 279 -15.87 21.34 -13.84
C ILE B 279 -16.67 20.76 -15.00
N ALA B 280 -17.91 20.37 -14.72
CA ALA B 280 -18.75 19.70 -15.71
C ALA B 280 -18.98 20.61 -16.91
N PRO B 281 -18.60 20.21 -18.13
CA PRO B 281 -18.92 21.03 -19.31
C PRO B 281 -20.35 20.84 -19.77
N ARG B 282 -21.05 19.85 -19.24
CA ARG B 282 -22.39 19.49 -19.65
C ARG B 282 -23.11 18.92 -18.44
N ASP B 283 -24.45 18.95 -18.48
CA ASP B 283 -25.22 18.12 -17.57
C ASP B 283 -24.82 16.66 -17.79
N THR B 284 -24.51 15.96 -16.71
CA THR B 284 -24.08 14.58 -16.82
C THR B 284 -24.36 13.83 -15.52
N ASN B 285 -23.97 12.56 -15.49
CA ASN B 285 -24.16 11.69 -14.35
C ASN B 285 -22.81 11.12 -13.94
N LEU B 286 -22.59 11.08 -12.63
CA LEU B 286 -21.36 10.55 -12.06
C LEU B 286 -21.67 9.32 -11.22
N ALA B 287 -20.66 8.46 -11.09
CA ALA B 287 -20.70 7.32 -10.20
C ALA B 287 -19.63 7.52 -9.14
N LEU B 288 -20.01 7.32 -7.88
CA LEU B 288 -19.08 7.31 -6.77
C LEU B 288 -18.58 5.88 -6.57
N LEU B 289 -17.25 5.70 -6.68
CA LEU B 289 -16.61 4.42 -6.42
C LEU B 289 -15.91 4.49 -5.07
N PRO B 290 -16.30 3.68 -4.07
CA PRO B 290 -15.87 3.90 -2.68
C PRO B 290 -14.56 3.22 -2.32
N ILE B 291 -13.55 3.44 -3.15
CA ILE B 291 -12.17 3.11 -2.83
C ILE B 291 -11.31 4.26 -3.31
N GLY B 292 -10.17 4.43 -2.66
CA GLY B 292 -9.29 5.55 -2.91
C GLY B 292 -7.82 5.23 -2.70
N TYR B 293 -7.00 6.27 -2.48
CA TYR B 293 -5.57 6.01 -2.48
C TYR B 293 -5.12 5.24 -1.24
N ALA B 294 -5.87 5.26 -0.13
CA ALA B 294 -5.53 4.39 0.99
C ALA B 294 -5.81 2.92 0.69
N ASP B 295 -6.57 2.66 -0.37
CA ASP B 295 -6.84 1.31 -0.83
C ASP B 295 -5.94 0.89 -1.98
N GLY B 296 -5.00 1.74 -2.38
CA GLY B 296 -4.10 1.41 -3.47
C GLY B 296 -4.45 2.06 -4.80
N VAL B 297 -5.49 2.87 -4.85
CA VAL B 297 -5.80 3.61 -6.08
C VAL B 297 -4.91 4.85 -6.12
N PHE B 298 -3.75 4.72 -6.77
CA PHE B 298 -2.75 5.78 -6.78
C PHE B 298 -3.41 7.13 -7.03
N ARG B 299 -3.12 8.11 -6.17
CA ARG B 299 -3.76 9.40 -6.32
C ARG B 299 -3.44 10.05 -7.65
N SER B 300 -2.24 9.79 -8.19
CA SER B 300 -1.87 10.36 -9.48
C SER B 300 -2.72 9.85 -10.64
N LEU B 301 -3.59 8.86 -10.41
CA LEU B 301 -4.50 8.44 -11.46
C LEU B 301 -5.65 9.42 -11.65
N GLY B 302 -5.84 10.35 -10.73
CA GLY B 302 -6.96 11.27 -10.81
C GLY B 302 -7.03 11.98 -12.13
N GLY B 303 -8.21 11.95 -12.76
CA GLY B 303 -8.40 12.63 -14.02
C GLY B 303 -7.72 11.99 -15.19
N ARG B 304 -7.21 10.79 -15.02
CA ARG B 304 -6.54 10.09 -16.11
CA ARG B 304 -6.54 10.09 -16.11
C ARG B 304 -7.03 8.67 -16.29
N LEU B 305 -7.36 7.98 -15.21
CA LEU B 305 -7.81 6.60 -15.37
C LEU B 305 -9.22 6.55 -15.95
N GLU B 306 -9.55 5.38 -16.50
CA GLU B 306 -10.91 5.03 -16.86
C GLU B 306 -11.27 3.73 -16.14
N VAL B 307 -12.56 3.51 -15.94
CA VAL B 307 -13.04 2.23 -15.46
C VAL B 307 -14.01 1.68 -16.50
N LEU B 308 -14.27 0.38 -16.40
CA LEU B 308 -15.26 -0.27 -17.24
C LEU B 308 -16.52 -0.54 -16.43
N ILE B 309 -17.66 -0.06 -16.91
CA ILE B 309 -18.96 -0.28 -16.25
C ILE B 309 -19.94 -0.65 -17.34
N ASN B 310 -20.55 -1.83 -17.21
CA ASN B 310 -21.53 -2.33 -18.16
C ASN B 310 -21.01 -2.15 -19.59
N GLY B 311 -19.75 -2.56 -19.79
CA GLY B 311 -19.13 -2.60 -21.10
C GLY B 311 -18.64 -1.27 -21.64
N ARG B 312 -18.73 -0.18 -20.88
CA ARG B 312 -18.39 1.15 -21.34
C ARG B 312 -17.25 1.72 -20.52
N ARG B 313 -16.33 2.41 -21.16
CA ARG B 313 -15.29 3.13 -20.44
C ARG B 313 -15.87 4.41 -19.85
N CYS B 314 -15.60 4.63 -18.56
CA CYS B 314 -16.06 5.80 -17.84
C CYS B 314 -14.85 6.49 -17.21
N PRO B 315 -14.53 7.73 -17.58
CA PRO B 315 -13.30 8.34 -17.09
C PRO B 315 -13.44 8.92 -15.69
N GLY B 316 -12.38 8.77 -14.90
CA GLY B 316 -12.36 9.42 -13.60
C GLY B 316 -12.37 10.93 -13.79
N VAL B 317 -13.08 11.61 -12.90
CA VAL B 317 -13.13 13.07 -12.90
C VAL B 317 -12.85 13.57 -11.49
N GLY B 318 -12.06 14.62 -11.41
CA GLY B 318 -11.68 15.17 -10.12
C GLY B 318 -10.64 14.33 -9.41
N ARG B 319 -10.27 14.80 -8.22
CA ARG B 319 -9.20 14.15 -7.48
CA ARG B 319 -9.22 14.17 -7.44
C ARG B 319 -9.67 12.81 -6.90
N ILE B 320 -8.72 11.88 -6.83
CA ILE B 320 -8.89 10.66 -6.06
CA ILE B 320 -8.90 10.67 -6.05
C ILE B 320 -8.77 11.02 -4.58
N CYS B 321 -9.74 10.63 -3.77
CA CYS B 321 -9.72 10.91 -2.35
C CYS B 321 -9.14 9.70 -1.62
N MET B 322 -9.03 9.82 -0.31
CA MET B 322 -8.45 8.73 0.46
C MET B 322 -9.23 7.43 0.29
N ASP B 323 -10.57 7.54 0.16
CA ASP B 323 -11.43 6.36 0.19
C ASP B 323 -12.50 6.37 -0.89
N GLN B 324 -12.40 7.23 -1.90
CA GLN B 324 -13.40 7.27 -2.95
C GLN B 324 -12.88 8.09 -4.12
N PHE B 325 -13.48 7.88 -5.29
CA PHE B 325 -13.34 8.78 -6.42
C PHE B 325 -14.59 8.70 -7.30
N MET B 326 -14.69 9.66 -8.22
CA MET B 326 -15.82 9.80 -9.12
CA MET B 326 -15.82 9.81 -9.12
C MET B 326 -15.42 9.47 -10.55
N VAL B 327 -16.35 8.87 -11.28
CA VAL B 327 -16.20 8.65 -12.71
C VAL B 327 -17.41 9.25 -13.41
N ASP B 328 -17.20 9.65 -14.66
CA ASP B 328 -18.24 10.28 -15.47
C ASP B 328 -18.97 9.21 -16.26
N LEU B 329 -20.27 9.07 -16.01
CA LEU B 329 -21.11 8.11 -16.72
C LEU B 329 -21.70 8.67 -18.00
N GLY B 330 -21.62 9.98 -18.21
CA GLY B 330 -22.22 10.62 -19.36
C GLY B 330 -23.67 10.94 -19.14
N PRO B 331 -24.30 11.62 -20.11
CA PRO B 331 -25.74 11.93 -20.05
C PRO B 331 -26.61 10.89 -20.76
N PRO B 333 -30.56 9.08 -20.60
CA PRO B 333 -30.93 8.12 -19.54
C PRO B 333 -29.77 7.20 -19.18
N LEU B 334 -29.68 6.84 -17.91
CA LEU B 334 -28.49 6.14 -17.45
C LEU B 334 -28.61 4.64 -17.64
N ASP B 335 -27.47 4.02 -17.94
CA ASP B 335 -27.34 2.58 -18.10
C ASP B 335 -26.62 1.95 -16.90
N VAL B 336 -26.44 2.70 -15.81
CA VAL B 336 -25.68 2.25 -14.66
C VAL B 336 -26.54 2.48 -13.41
N ALA B 337 -26.59 1.48 -12.55
CA ALA B 337 -27.33 1.53 -11.30
C ALA B 337 -26.39 1.32 -10.13
N GLU B 338 -26.81 1.84 -8.97
CA GLU B 338 -26.10 1.58 -7.73
C GLU B 338 -26.00 0.07 -7.53
N GLY B 339 -24.81 -0.39 -7.14
CA GLY B 339 -24.53 -1.80 -6.99
C GLY B 339 -23.94 -2.46 -8.20
N ASP B 340 -23.98 -1.81 -9.37
CA ASP B 340 -23.32 -2.37 -10.54
C ASP B 340 -21.81 -2.43 -10.33
N GLU B 341 -21.15 -3.25 -11.15
CA GLU B 341 -19.73 -3.53 -11.00
C GLU B 341 -18.91 -2.61 -11.91
N ALA B 342 -17.88 -1.97 -11.34
CA ALA B 342 -16.89 -1.21 -12.08
C ALA B 342 -15.58 -1.98 -12.05
N ILE B 343 -14.98 -2.21 -13.21
CA ILE B 343 -13.69 -2.87 -13.27
C ILE B 343 -12.62 -1.79 -13.45
N LEU B 344 -11.67 -1.75 -12.53
CA LEU B 344 -10.56 -0.81 -12.61
C LEU B 344 -9.43 -1.34 -13.48
N PHE B 345 -9.00 -2.59 -13.27
CA PHE B 345 -8.06 -3.20 -14.20
C PHE B 345 -8.17 -4.71 -14.13
N GLY B 346 -7.71 -5.37 -15.19
CA GLY B 346 -7.76 -6.81 -15.28
C GLY B 346 -6.92 -7.28 -16.44
N PRO B 347 -7.13 -8.52 -16.89
CA PRO B 347 -6.40 -9.01 -18.06
C PRO B 347 -6.73 -8.27 -19.34
N GLY B 348 -7.90 -7.64 -19.42
CA GLY B 348 -8.35 -6.95 -20.61
C GLY B 348 -9.38 -7.70 -21.42
N ILE B 349 -9.83 -8.86 -20.95
CA ILE B 349 -10.66 -9.73 -21.78
C ILE B 349 -11.96 -9.05 -22.16
N ARG B 350 -12.52 -8.25 -21.24
CA ARG B 350 -13.79 -7.58 -21.44
C ARG B 350 -13.61 -6.12 -21.90
N GLY B 351 -12.41 -5.73 -22.27
CA GLY B 351 -12.14 -4.35 -22.64
C GLY B 351 -11.73 -3.47 -21.48
N GLU B 352 -11.56 -4.01 -20.28
CA GLU B 352 -11.17 -3.21 -19.14
C GLU B 352 -9.71 -2.77 -19.27
N PRO B 353 -9.30 -1.73 -18.55
CA PRO B 353 -7.88 -1.40 -18.51
C PRO B 353 -7.08 -2.54 -17.91
N THR B 354 -5.77 -2.50 -18.15
CA THR B 354 -4.84 -3.48 -17.62
C THR B 354 -3.96 -2.83 -16.55
N ALA B 355 -3.27 -3.67 -15.77
CA ALA B 355 -2.29 -3.16 -14.83
C ALA B 355 -1.22 -2.36 -15.55
N GLN B 356 -0.86 -2.77 -16.77
CA GLN B 356 0.09 -1.99 -17.56
C GLN B 356 -0.45 -0.61 -17.90
N ASP B 357 -1.75 -0.49 -18.18
CA ASP B 357 -2.33 0.83 -18.41
C ASP B 357 -2.13 1.74 -17.19
N TRP B 358 -2.40 1.21 -15.99
CA TRP B 358 -2.14 1.99 -14.78
C TRP B 358 -0.67 2.37 -14.67
N ALA B 359 0.21 1.40 -14.91
CA ALA B 359 1.64 1.66 -14.83
C ALA B 359 2.03 2.80 -15.77
N ASP B 360 1.49 2.79 -16.99
CA ASP B 360 1.75 3.85 -17.96
C ASP B 360 1.26 5.21 -17.45
N LEU B 361 0.07 5.26 -16.86
CA LEU B 361 -0.49 6.52 -16.39
C LEU B 361 0.30 7.07 -15.21
N VAL B 362 0.74 6.19 -14.30
CA VAL B 362 1.41 6.62 -13.06
C VAL B 362 2.91 6.82 -13.28
N GLY B 363 3.47 6.29 -14.37
CA GLY B 363 4.91 6.31 -14.52
C GLY B 363 5.62 5.26 -13.70
N THR B 364 5.08 4.05 -13.67
CA THR B 364 5.71 2.97 -12.92
C THR B 364 5.64 1.71 -13.76
N ILE B 365 5.71 0.57 -13.09
CA ILE B 365 5.69 -0.74 -13.72
C ILE B 365 4.56 -1.54 -13.07
N HIS B 366 4.04 -2.52 -13.81
CA HIS B 366 2.89 -3.26 -13.30
CA HIS B 366 2.89 -3.26 -13.30
C HIS B 366 3.21 -4.04 -12.03
N TYR B 367 4.48 -4.40 -11.79
CA TYR B 367 4.84 -4.98 -10.49
C TYR B 367 4.29 -4.14 -9.34
N GLU B 368 4.47 -2.81 -9.43
CA GLU B 368 4.03 -1.93 -8.36
C GLU B 368 2.51 -1.81 -8.34
N VAL B 369 1.87 -1.85 -9.50
CA VAL B 369 0.42 -1.78 -9.55
C VAL B 369 -0.21 -2.91 -8.76
N VAL B 370 0.26 -4.15 -8.97
CA VAL B 370 -0.43 -5.26 -8.34
C VAL B 370 -0.09 -5.43 -6.86
N THR B 371 1.00 -4.82 -6.36
CA THR B 371 1.25 -4.83 -4.93
C THR B 371 0.57 -3.66 -4.24
N SER B 372 -0.27 -2.91 -4.96
CA SER B 372 -0.92 -1.74 -4.38
C SER B 372 -2.29 -2.05 -3.75
N PRO B 373 -3.19 -2.79 -4.40
CA PRO B 373 -4.54 -2.93 -3.84
C PRO B 373 -4.54 -3.53 -2.44
N ARG B 374 -5.37 -2.95 -1.57
CA ARG B 374 -5.36 -3.28 -0.16
C ARG B 374 -6.57 -2.60 0.47
N GLY B 375 -6.63 -2.57 1.79
CA GLY B 375 -7.69 -1.85 2.48
C GLY B 375 -9.04 -2.47 2.19
N ARG B 376 -9.93 -1.67 1.62
CA ARG B 376 -11.27 -2.11 1.25
C ARG B 376 -11.29 -3.03 0.06
N ILE B 377 -10.17 -3.20 -0.64
CA ILE B 377 -10.11 -4.10 -1.78
C ILE B 377 -9.76 -5.48 -1.23
N THR B 378 -10.79 -6.31 -1.06
CA THR B 378 -10.64 -7.64 -0.47
C THR B 378 -10.12 -8.59 -1.53
N ARG B 379 -9.09 -9.35 -1.20
CA ARG B 379 -8.57 -10.34 -2.13
CA ARG B 379 -8.58 -10.35 -2.13
C ARG B 379 -9.49 -11.57 -2.13
N THR B 380 -9.88 -12.00 -3.33
CA THR B 380 -10.73 -13.16 -3.55
C THR B 380 -10.11 -14.04 -4.63
N TYR B 381 -10.64 -15.25 -4.78
CA TYR B 381 -10.06 -16.25 -5.67
C TYR B 381 -11.14 -16.89 -6.53
N ARG B 382 -10.87 -16.97 -7.83
CA ARG B 382 -11.64 -17.82 -8.74
C ARG B 382 -10.83 -19.10 -8.95
N GLU B 383 -11.45 -20.24 -8.66
CA GLU B 383 -10.75 -21.51 -8.79
C GLU B 383 -10.55 -21.85 -10.27
N ALA B 384 -9.49 -22.61 -10.54
CA ALA B 384 -9.20 -23.07 -11.91
C ALA B 384 -10.27 -24.02 -12.43
#